data_3IO1
#
_entry.id   3IO1
#
_cell.length_a   183.390
_cell.length_b   48.519
_cell.length_c   107.998
_cell.angle_alpha   90.00
_cell.angle_beta   90.00
_cell.angle_gamma   90.00
#
_symmetry.space_group_name_H-M   'P 21 21 2'
#
loop_
_entity.id
_entity.type
_entity.pdbx_description
1 polymer 'Aminobenzoyl-glutamate utilization protein'
2 non-polymer 'YTTRIUM (III) ION'
3 non-polymer 'SODIUM ION'
4 water water
#
_entity_poly.entity_id   1
_entity_poly.type   'polypeptide(L)'
_entity_poly.pdbx_seq_one_letter_code
;(MSE)SLQLDEYLRQLAPS(MSE)TQWRRDFHLHAESGWLEFRTASKVADILDGLGYQLALGRDVIDADSR(MSE)GLPD
EETLARAFERAREQGAPERWLPAFEGGFAGVVATLDTGRPGPTLAFRVD(MSE)DALDLNEQHDDSHRPHRDHFASCNAG
(MSE)(MSE)HACGHDGHTAIGLGLAHVLKQYAAQLNGVIKLIFQPAEEGTRGARA(MSE)VAAGVVDDVDYFTAIHIGT
GVPAGTVVCGGDNF(MSE)ATTKFDVQFSGVAAHAGGKPEDGRNALLAAAQAALGLHAIPPHSAGASRVNVGV(MSE)QA
GTGRNVVPSSALLKVETRGESEAINQYVFERAQHVVAGAAA(MSE)YEARYELR(MSE)(MSE)GAATASAPSPAWVDYL
REQAARVPGVQQAVDRIAAPAGSEDATL(MSE)(MSE)ARVQARGGLASY(MSE)IFGTELSAGHHNEKFDFDESV
(MSE)AVAVETLARVALNFPWQRGVEGHHHHHH
;
_entity_poly.pdbx_strand_id   A,B
#
loop_
_chem_comp.id
_chem_comp.type
_chem_comp.name
_chem_comp.formula
NA non-polymer 'SODIUM ION' 'Na 1'
YT3 non-polymer 'YTTRIUM (III) ION' 'Y 3'
#
# COMPACT_ATOMS: atom_id res chain seq x y z
N LEU A 3 -22.29 -41.43 -31.34
CA LEU A 3 -23.05 -42.53 -30.69
C LEU A 3 -22.59 -42.71 -29.25
N GLN A 4 -23.55 -42.85 -28.34
CA GLN A 4 -23.30 -43.02 -26.91
C GLN A 4 -22.46 -41.89 -26.32
N LEU A 5 -22.41 -40.76 -27.03
CA LEU A 5 -21.67 -39.60 -26.56
C LEU A 5 -22.26 -39.14 -25.24
N ASP A 6 -23.59 -39.11 -25.19
CA ASP A 6 -24.34 -38.71 -24.00
C ASP A 6 -23.96 -39.60 -22.82
N GLU A 7 -23.73 -40.88 -23.09
CA GLU A 7 -23.33 -41.82 -22.05
C GLU A 7 -21.88 -41.57 -21.63
N TYR A 8 -20.97 -41.60 -22.60
CA TYR A 8 -19.56 -41.38 -22.33
C TYR A 8 -19.35 -40.14 -21.45
N LEU A 9 -20.10 -39.08 -21.73
CA LEU A 9 -20.01 -37.83 -20.97
C LEU A 9 -20.19 -38.03 -19.46
N ARG A 10 -21.20 -38.82 -19.08
CA ARG A 10 -21.46 -39.09 -17.67
C ARG A 10 -20.36 -39.99 -17.13
N GLN A 11 -19.54 -40.52 -18.01
CA GLN A 11 -18.43 -41.39 -17.64
C GLN A 11 -17.14 -40.57 -17.62
N LEU A 12 -17.29 -39.26 -17.59
CA LEU A 12 -16.14 -38.36 -17.58
C LEU A 12 -16.33 -37.25 -16.55
N ALA A 13 -17.58 -36.85 -16.35
CA ALA A 13 -17.92 -35.79 -15.40
C ALA A 13 -17.17 -35.88 -14.06
N PRO A 14 -17.05 -37.09 -13.48
CA PRO A 14 -16.35 -37.24 -12.20
C PRO A 14 -14.87 -36.84 -12.26
N SER A 15 -14.29 -36.86 -13.46
CA SER A 15 -12.90 -36.48 -13.62
C SER A 15 -12.80 -34.96 -13.67
N MSE A 16 -13.67 -34.36 -14.48
CA MSE A 16 -13.68 -32.91 -14.64
C MSE A 16 -13.80 -32.13 -13.34
O MSE A 16 -13.04 -31.20 -13.11
CB MSE A 16 -14.80 -32.50 -15.59
CG MSE A 16 -14.63 -33.08 -16.96
SE MSE A 16 -15.62 -32.06 -18.23
CE MSE A 16 -17.26 -33.09 -18.24
N THR A 17 -14.77 -32.51 -12.51
CA THR A 17 -14.96 -31.82 -11.23
C THR A 17 -13.68 -31.95 -10.40
N GLN A 18 -13.02 -33.09 -10.51
CA GLN A 18 -11.77 -33.33 -9.81
C GLN A 18 -10.72 -32.35 -10.32
N TRP A 19 -10.77 -32.06 -11.62
CA TRP A 19 -9.83 -31.14 -12.22
C TRP A 19 -10.11 -29.69 -11.85
N ARG A 20 -11.38 -29.28 -11.97
CA ARG A 20 -11.75 -27.90 -11.62
C ARG A 20 -11.32 -27.57 -10.20
N ARG A 21 -11.51 -28.53 -9.30
CA ARG A 21 -11.16 -28.32 -7.91
C ARG A 21 -9.66 -28.32 -7.64
N ASP A 22 -8.96 -29.29 -8.21
CA ASP A 22 -7.52 -29.35 -8.02
C ASP A 22 -6.88 -28.08 -8.58
N PHE A 23 -7.37 -27.62 -9.73
CA PHE A 23 -6.85 -26.41 -10.35
C PHE A 23 -7.35 -25.16 -9.64
N HIS A 24 -8.37 -25.33 -8.80
CA HIS A 24 -8.93 -24.22 -8.04
C HIS A 24 -8.14 -24.20 -6.73
N LEU A 25 -7.72 -25.39 -6.32
CA LEU A 25 -6.94 -25.62 -5.10
C LEU A 25 -5.54 -25.00 -5.23
N HIS A 26 -4.88 -25.29 -6.36
CA HIS A 26 -3.54 -24.78 -6.64
C HIS A 26 -3.61 -23.75 -7.76
N ALA A 27 -4.40 -22.70 -7.54
CA ALA A 27 -4.56 -21.63 -8.53
C ALA A 27 -3.27 -20.82 -8.66
N GLU A 28 -2.96 -20.43 -9.90
CA GLU A 28 -1.75 -19.66 -10.18
C GLU A 28 -2.11 -18.42 -10.99
N SER A 29 -1.38 -17.33 -10.76
CA SER A 29 -1.61 -16.06 -11.46
C SER A 29 -0.99 -16.03 -12.85
N GLY A 30 -1.22 -14.92 -13.55
CA GLY A 30 -0.69 -14.75 -14.90
C GLY A 30 0.81 -14.99 -15.00
N TRP A 31 1.20 -15.79 -15.99
CA TRP A 31 2.60 -16.13 -16.26
C TRP A 31 3.24 -17.09 -15.25
N LEU A 32 2.50 -17.45 -14.21
CA LEU A 32 3.04 -18.35 -13.18
C LEU A 32 2.31 -19.68 -13.10
N GLU A 33 1.55 -19.98 -14.16
CA GLU A 33 0.77 -21.21 -14.25
C GLU A 33 1.65 -22.43 -14.50
N PHE A 34 2.78 -22.49 -13.82
CA PHE A 34 3.72 -23.60 -14.00
C PHE A 34 3.12 -24.97 -13.71
N ARG A 35 2.56 -25.15 -12.52
CA ARG A 35 1.97 -26.43 -12.14
C ARG A 35 0.82 -26.83 -13.08
N THR A 36 -0.10 -25.90 -13.31
CA THR A 36 -1.25 -26.17 -14.16
C THR A 36 -0.83 -26.69 -15.54
N ALA A 37 0.14 -26.01 -16.17
CA ALA A 37 0.61 -26.43 -17.48
C ALA A 37 1.27 -27.79 -17.42
N SER A 38 2.00 -28.06 -16.35
CA SER A 38 2.67 -29.35 -16.18
C SER A 38 1.63 -30.46 -16.07
N LYS A 39 0.57 -30.21 -15.30
CA LYS A 39 -0.51 -31.17 -15.12
C LYS A 39 -1.28 -31.41 -16.42
N VAL A 40 -1.55 -30.33 -17.14
CA VAL A 40 -2.27 -30.44 -18.41
C VAL A 40 -1.45 -31.25 -19.43
N ALA A 41 -0.19 -30.86 -19.59
CA ALA A 41 0.71 -31.53 -20.53
C ALA A 41 0.78 -33.02 -20.21
N ASP A 42 0.96 -33.32 -18.93
CA ASP A 42 1.05 -34.70 -18.46
C ASP A 42 -0.14 -35.51 -18.96
N ILE A 43 -1.34 -35.10 -18.59
CA ILE A 43 -2.56 -35.79 -19.00
C ILE A 43 -2.75 -35.86 -20.51
N LEU A 44 -2.53 -34.74 -21.19
CA LEU A 44 -2.70 -34.68 -22.64
C LEU A 44 -1.74 -35.59 -23.38
N ASP A 45 -0.53 -35.72 -22.86
CA ASP A 45 0.48 -36.58 -23.45
C ASP A 45 0.01 -38.02 -23.20
N GLY A 46 -0.57 -38.24 -22.03
CA GLY A 46 -1.08 -39.54 -21.66
C GLY A 46 -2.17 -40.02 -22.60
N LEU A 47 -2.90 -39.08 -23.20
CA LEU A 47 -3.97 -39.41 -24.12
C LEU A 47 -3.47 -39.54 -25.55
N GLY A 48 -2.16 -39.32 -25.74
CA GLY A 48 -1.58 -39.45 -27.06
C GLY A 48 -1.59 -38.23 -27.96
N TYR A 49 -1.66 -37.04 -27.37
CA TYR A 49 -1.66 -35.81 -28.15
C TYR A 49 -0.23 -35.38 -28.48
N GLN A 50 -0.06 -34.75 -29.65
CA GLN A 50 1.25 -34.25 -30.04
C GLN A 50 1.41 -32.86 -29.42
N LEU A 51 2.18 -32.78 -28.34
CA LEU A 51 2.38 -31.52 -27.64
C LEU A 51 3.47 -30.58 -28.18
N ALA A 52 3.29 -29.30 -27.91
CA ALA A 52 4.22 -28.22 -28.26
C ALA A 52 4.18 -27.41 -26.98
N LEU A 53 5.34 -27.13 -26.39
CA LEU A 53 5.35 -26.42 -25.11
C LEU A 53 6.23 -25.18 -24.98
N GLY A 54 6.01 -24.46 -23.89
CA GLY A 54 6.77 -23.25 -23.58
C GLY A 54 7.13 -22.28 -24.68
N ARG A 55 8.43 -22.08 -24.86
CA ARG A 55 8.94 -21.14 -25.88
C ARG A 55 8.56 -21.49 -27.31
N ASP A 56 8.12 -22.72 -27.55
CA ASP A 56 7.73 -23.12 -28.90
C ASP A 56 6.34 -22.59 -29.22
N VAL A 57 5.59 -22.19 -28.19
CA VAL A 57 4.24 -21.67 -28.38
C VAL A 57 4.04 -20.29 -27.75
N ILE A 58 5.04 -19.79 -27.03
CA ILE A 58 4.96 -18.47 -26.41
C ILE A 58 6.14 -17.58 -26.80
N ASP A 59 5.92 -16.65 -27.73
CA ASP A 59 6.99 -15.74 -28.15
C ASP A 59 7.51 -14.94 -26.97
N ALA A 60 8.78 -15.13 -26.65
CA ALA A 60 9.41 -14.45 -25.52
C ALA A 60 9.22 -12.93 -25.51
N ASP A 61 9.58 -12.30 -26.63
CA ASP A 61 9.50 -10.85 -26.74
C ASP A 61 8.14 -10.20 -26.51
N SER A 62 7.09 -10.69 -27.17
CA SER A 62 5.78 -10.09 -27.02
C SER A 62 5.03 -10.36 -25.71
N ARG A 63 5.74 -10.84 -24.69
CA ARG A 63 5.12 -11.09 -23.39
C ARG A 63 5.10 -9.79 -22.60
N MSE A 64 3.91 -9.26 -22.32
CA MSE A 64 3.78 -8.02 -21.56
C MSE A 64 3.37 -8.29 -20.11
O MSE A 64 2.80 -9.33 -19.79
CB MSE A 64 2.72 -7.10 -22.19
CG MSE A 64 2.76 -6.99 -23.72
SE MSE A 64 1.04 -6.43 -24.51
CE MSE A 64 0.21 -8.17 -24.73
N GLY A 65 3.67 -7.32 -19.23
CA GLY A 65 3.31 -7.43 -17.83
C GLY A 65 3.81 -8.66 -17.09
N LEU A 66 5.01 -9.10 -17.44
CA LEU A 66 5.60 -10.26 -16.81
C LEU A 66 6.07 -9.95 -15.39
N PRO A 67 5.93 -10.91 -14.45
CA PRO A 67 6.37 -10.67 -13.08
C PRO A 67 7.91 -10.56 -13.05
N ASP A 68 8.48 -10.00 -11.99
CA ASP A 68 9.94 -9.85 -11.91
C ASP A 68 10.68 -11.18 -11.80
N GLU A 69 11.95 -11.14 -12.19
CA GLU A 69 12.83 -12.31 -12.18
C GLU A 69 12.78 -13.14 -10.90
N GLU A 70 12.53 -12.47 -9.78
CA GLU A 70 12.46 -13.15 -8.50
C GLU A 70 11.15 -13.90 -8.31
N THR A 71 10.03 -13.22 -8.58
CA THR A 71 8.71 -13.82 -8.44
C THR A 71 8.55 -15.07 -9.31
N LEU A 72 9.11 -15.01 -10.51
CA LEU A 72 9.03 -16.15 -11.43
C LEU A 72 9.76 -17.37 -10.85
N ALA A 73 10.80 -17.11 -10.08
CA ALA A 73 11.60 -18.17 -9.46
C ALA A 73 10.87 -18.95 -8.36
N ARG A 74 10.38 -18.25 -7.34
CA ARG A 74 9.68 -18.91 -6.25
C ARG A 74 8.43 -19.64 -6.73
N ALA A 75 7.69 -19.02 -7.63
CA ALA A 75 6.48 -19.64 -8.17
C ALA A 75 6.88 -20.96 -8.83
N PHE A 76 8.00 -20.95 -9.54
CA PHE A 76 8.50 -22.15 -10.22
C PHE A 76 8.80 -23.25 -9.20
N GLU A 77 9.58 -22.91 -8.18
CA GLU A 77 9.95 -23.86 -7.14
C GLU A 77 8.75 -24.36 -6.37
N ARG A 78 7.85 -23.45 -6.01
CA ARG A 78 6.64 -23.83 -5.28
C ARG A 78 5.83 -24.84 -6.08
N ALA A 79 5.91 -24.74 -7.40
CA ALA A 79 5.20 -25.66 -8.28
C ALA A 79 5.83 -27.04 -8.17
N ARG A 80 7.15 -27.08 -8.18
CA ARG A 80 7.87 -28.34 -8.06
C ARG A 80 7.58 -28.94 -6.70
N GLU A 81 7.30 -28.07 -5.73
CA GLU A 81 7.00 -28.50 -4.36
C GLU A 81 5.48 -28.52 -4.19
N GLN A 82 4.76 -28.53 -5.31
CA GLN A 82 3.31 -28.54 -5.29
C GLN A 82 2.76 -29.78 -6.00
N GLY A 83 3.66 -30.60 -6.53
CA GLY A 83 3.23 -31.81 -7.22
C GLY A 83 3.31 -31.77 -8.73
N ALA A 84 3.88 -30.69 -9.28
CA ALA A 84 4.00 -30.57 -10.72
C ALA A 84 4.94 -31.63 -11.27
N PRO A 85 4.51 -32.35 -12.32
CA PRO A 85 5.33 -33.41 -12.94
C PRO A 85 6.72 -32.89 -13.33
N GLU A 86 7.75 -33.67 -13.06
CA GLU A 86 9.12 -33.29 -13.37
C GLU A 86 9.42 -33.31 -14.88
N ARG A 87 8.81 -34.27 -15.58
CA ARG A 87 9.03 -34.42 -17.02
C ARG A 87 8.66 -33.19 -17.84
N TRP A 88 7.72 -32.40 -17.34
CA TRP A 88 7.27 -31.23 -18.09
C TRP A 88 7.63 -29.88 -17.50
N LEU A 89 7.48 -29.74 -16.19
CA LEU A 89 7.75 -28.47 -15.51
C LEU A 89 8.86 -27.63 -16.14
N PRO A 90 10.05 -28.23 -16.37
CA PRO A 90 11.18 -27.51 -16.95
C PRO A 90 10.89 -26.76 -18.26
N ALA A 91 9.95 -27.28 -19.04
CA ALA A 91 9.61 -26.65 -20.31
C ALA A 91 8.89 -25.30 -20.17
N PHE A 92 8.49 -24.97 -18.94
CA PHE A 92 7.79 -23.72 -18.71
C PHE A 92 8.58 -22.70 -17.87
N GLU A 93 9.76 -23.08 -17.43
CA GLU A 93 10.58 -22.18 -16.61
C GLU A 93 10.87 -20.85 -17.30
N GLY A 94 10.75 -19.76 -16.53
CA GLY A 94 11.00 -18.44 -17.07
C GLY A 94 9.74 -17.70 -17.48
N GLY A 95 8.57 -18.30 -17.22
CA GLY A 95 7.32 -17.66 -17.58
C GLY A 95 6.84 -18.05 -18.97
N PHE A 96 6.93 -19.33 -19.30
CA PHE A 96 6.49 -19.82 -20.59
C PHE A 96 5.49 -20.97 -20.42
N ALA A 97 4.69 -20.89 -19.36
CA ALA A 97 3.68 -21.91 -19.07
C ALA A 97 2.53 -21.85 -20.08
N GLY A 98 2.66 -22.63 -21.14
CA GLY A 98 1.64 -22.68 -22.17
C GLY A 98 1.69 -24.01 -22.90
N VAL A 99 0.57 -24.47 -23.42
CA VAL A 99 0.57 -25.74 -24.13
C VAL A 99 -0.48 -25.83 -25.24
N VAL A 100 -0.05 -26.40 -26.37
CA VAL A 100 -0.93 -26.59 -27.52
C VAL A 100 -0.86 -28.06 -27.90
N ALA A 101 -2.00 -28.75 -27.77
CA ALA A 101 -2.06 -30.17 -28.11
C ALA A 101 -2.67 -30.33 -29.48
N THR A 102 -2.07 -31.21 -30.29
CA THR A 102 -2.54 -31.45 -31.64
C THR A 102 -2.92 -32.90 -31.91
N LEU A 103 -4.09 -33.09 -32.50
CA LEU A 103 -4.59 -34.41 -32.86
C LEU A 103 -4.75 -34.38 -34.38
N ASP A 104 -3.93 -35.17 -35.07
CA ASP A 104 -4.00 -35.23 -36.52
C ASP A 104 -4.62 -36.56 -36.92
N THR A 105 -5.70 -36.50 -37.69
CA THR A 105 -6.43 -37.71 -38.10
C THR A 105 -5.90 -38.37 -39.36
N GLY A 106 -4.91 -37.77 -40.00
CA GLY A 106 -4.39 -38.35 -41.23
C GLY A 106 -5.36 -38.12 -42.37
N ARG A 107 -6.65 -38.13 -42.04
CA ARG A 107 -7.70 -37.91 -43.03
C ARG A 107 -7.69 -36.42 -43.38
N PRO A 108 -7.46 -36.09 -44.67
CA PRO A 108 -7.43 -34.69 -45.07
C PRO A 108 -8.64 -33.92 -44.55
N GLY A 109 -8.42 -32.66 -44.19
CA GLY A 109 -9.51 -31.84 -43.67
C GLY A 109 -9.06 -30.58 -42.96
N PRO A 110 -10.01 -29.72 -42.59
CA PRO A 110 -9.73 -28.45 -41.90
C PRO A 110 -9.17 -28.62 -40.50
N THR A 111 -8.56 -27.55 -39.99
CA THR A 111 -7.99 -27.54 -38.65
C THR A 111 -8.89 -26.73 -37.72
N LEU A 112 -9.43 -27.40 -36.70
CA LEU A 112 -10.31 -26.76 -35.74
C LEU A 112 -9.56 -26.51 -34.43
N ALA A 113 -9.58 -25.26 -33.96
CA ALA A 113 -8.89 -24.91 -32.72
C ALA A 113 -9.82 -24.42 -31.62
N PHE A 114 -9.60 -24.92 -30.42
CA PHE A 114 -10.38 -24.56 -29.24
C PHE A 114 -9.40 -24.02 -28.21
N ARG A 115 -9.73 -22.89 -27.61
CA ARG A 115 -8.85 -22.28 -26.62
C ARG A 115 -9.46 -22.04 -25.25
N VAL A 116 -8.62 -22.17 -24.22
CA VAL A 116 -9.00 -21.93 -22.83
C VAL A 116 -7.78 -21.36 -22.10
N ASP A 117 -8.03 -20.50 -21.12
CA ASP A 117 -6.96 -19.90 -20.34
C ASP A 117 -6.76 -20.68 -19.05
N MSE A 118 -5.59 -20.55 -18.44
CA MSE A 118 -5.28 -21.29 -17.21
C MSE A 118 -5.07 -20.45 -15.95
O MSE A 118 -5.18 -20.97 -14.84
CB MSE A 118 -4.01 -22.11 -17.40
CG MSE A 118 -3.99 -23.03 -18.58
SE MSE A 118 -2.28 -23.95 -18.62
CE MSE A 118 -1.34 -22.85 -19.90
N ASP A 119 -4.75 -19.17 -16.11
CA ASP A 119 -4.47 -18.33 -14.94
C ASP A 119 -5.66 -17.92 -14.07
N ALA A 120 -5.35 -17.63 -12.81
CA ALA A 120 -6.35 -17.18 -11.85
C ALA A 120 -6.15 -15.67 -11.70
N LEU A 121 -6.77 -15.09 -10.68
CA LEU A 121 -6.65 -13.66 -10.46
C LEU A 121 -5.86 -13.35 -9.18
N ASP A 122 -5.17 -12.22 -9.18
CA ASP A 122 -4.37 -11.78 -8.05
C ASP A 122 -5.14 -10.86 -7.12
N LEU A 123 -4.80 -10.93 -5.83
CA LEU A 123 -5.44 -10.11 -4.81
C LEU A 123 -4.67 -8.80 -4.65
N CYS A 149 -9.78 -17.27 -6.55
CA CYS A 149 -9.48 -17.40 -7.97
C CYS A 149 -10.74 -17.81 -8.74
N GLY A 150 -11.90 -17.31 -8.29
CA GLY A 150 -13.14 -17.63 -8.96
C GLY A 150 -13.24 -16.86 -10.26
N HIS A 151 -13.05 -17.55 -11.39
CA HIS A 151 -13.10 -16.88 -12.68
C HIS A 151 -12.71 -17.78 -13.87
N ASP A 152 -11.85 -18.77 -13.63
CA ASP A 152 -11.38 -19.67 -14.69
C ASP A 152 -11.44 -21.20 -14.49
N GLY A 153 -12.63 -21.77 -14.53
CA GLY A 153 -12.74 -23.22 -14.40
C GLY A 153 -12.62 -23.82 -15.79
N HIS A 154 -12.19 -22.97 -16.73
CA HIS A 154 -12.03 -23.30 -18.14
C HIS A 154 -10.97 -24.37 -18.47
N THR A 155 -9.98 -24.54 -17.60
CA THR A 155 -8.96 -25.55 -17.89
C THR A 155 -9.52 -26.98 -17.83
N ALA A 156 -10.42 -27.24 -16.90
CA ALA A 156 -11.03 -28.56 -16.79
C ALA A 156 -11.79 -28.90 -18.07
N ILE A 157 -12.60 -27.95 -18.52
CA ILE A 157 -13.37 -28.14 -19.75
C ILE A 157 -12.46 -28.44 -20.93
N GLY A 158 -11.23 -27.91 -20.88
CA GLY A 158 -10.28 -28.13 -21.95
C GLY A 158 -9.82 -29.57 -21.97
N LEU A 159 -9.50 -30.11 -20.79
CA LEU A 159 -9.07 -31.49 -20.68
C LEU A 159 -10.26 -32.37 -21.02
N GLY A 160 -11.43 -32.01 -20.51
CA GLY A 160 -12.63 -32.77 -20.77
C GLY A 160 -12.81 -32.98 -22.26
N LEU A 161 -12.81 -31.88 -23.01
CA LEU A 161 -12.97 -31.93 -24.46
C LEU A 161 -11.89 -32.79 -25.12
N ALA A 162 -10.68 -32.75 -24.58
CA ALA A 162 -9.57 -33.53 -25.14
C ALA A 162 -9.91 -35.04 -25.12
N HIS A 163 -10.43 -35.50 -23.99
CA HIS A 163 -10.81 -36.89 -23.83
C HIS A 163 -11.86 -37.30 -24.87
N VAL A 164 -12.99 -36.60 -24.87
CA VAL A 164 -14.06 -36.87 -25.81
C VAL A 164 -13.54 -36.94 -27.24
N LEU A 165 -12.59 -36.06 -27.57
CA LEU A 165 -12.02 -36.00 -28.92
C LEU A 165 -11.14 -37.19 -29.28
N LYS A 166 -10.65 -37.92 -28.28
CA LYS A 166 -9.82 -39.09 -28.55
C LYS A 166 -10.72 -40.29 -28.83
N GLN A 167 -11.57 -40.62 -27.87
CA GLN A 167 -12.50 -41.74 -28.00
C GLN A 167 -13.19 -41.74 -29.36
N TYR A 168 -13.68 -40.59 -29.78
CA TYR A 168 -14.39 -40.46 -31.04
C TYR A 168 -13.49 -39.96 -32.17
N ALA A 169 -12.18 -40.10 -32.00
CA ALA A 169 -11.21 -39.67 -33.01
C ALA A 169 -11.58 -40.12 -34.41
N ALA A 170 -11.98 -41.39 -34.54
CA ALA A 170 -12.36 -41.98 -35.82
C ALA A 170 -13.33 -41.17 -36.69
N GLN A 171 -14.27 -40.47 -36.05
CA GLN A 171 -15.25 -39.68 -36.79
C GLN A 171 -14.78 -38.28 -37.17
N LEU A 172 -13.56 -37.94 -36.77
CA LEU A 172 -13.02 -36.63 -37.07
C LEU A 172 -12.17 -36.68 -38.33
N ASN A 173 -11.82 -35.50 -38.84
CA ASN A 173 -10.99 -35.37 -40.01
C ASN A 173 -10.12 -34.14 -39.80
N GLY A 174 -9.21 -33.88 -40.73
CA GLY A 174 -8.35 -32.73 -40.60
C GLY A 174 -7.56 -32.77 -39.31
N VAL A 175 -7.39 -31.60 -38.69
CA VAL A 175 -6.65 -31.51 -37.45
C VAL A 175 -7.38 -30.72 -36.38
N ILE A 176 -7.27 -31.18 -35.14
CA ILE A 176 -7.89 -30.51 -34.02
C ILE A 176 -6.76 -30.01 -33.15
N LYS A 177 -6.84 -28.75 -32.72
CA LYS A 177 -5.82 -28.18 -31.85
C LYS A 177 -6.45 -27.66 -30.56
N LEU A 178 -5.79 -27.93 -29.45
CA LEU A 178 -6.29 -27.49 -28.15
C LEU A 178 -5.27 -26.50 -27.60
N ILE A 179 -5.72 -25.29 -27.32
CA ILE A 179 -4.83 -24.26 -26.82
C ILE A 179 -5.08 -23.87 -25.38
N PHE A 180 -4.07 -24.05 -24.53
CA PHE A 180 -4.15 -23.68 -23.13
C PHE A 180 -3.30 -22.42 -22.97
N GLN A 181 -3.98 -21.29 -22.82
CA GLN A 181 -3.33 -20.00 -22.72
C GLN A 181 -3.10 -19.45 -21.33
N PRO A 182 -1.90 -18.89 -21.10
CA PRO A 182 -1.57 -18.31 -19.80
C PRO A 182 -1.92 -16.82 -19.81
N ALA A 183 -1.80 -16.20 -18.65
CA ALA A 183 -2.04 -14.77 -18.47
C ALA A 183 -3.18 -14.12 -19.27
N GLU A 184 -4.40 -14.66 -19.16
CA GLU A 184 -5.52 -14.06 -19.88
C GLU A 184 -5.93 -12.81 -19.11
N GLU A 185 -5.90 -12.89 -17.79
CA GLU A 185 -6.24 -11.75 -16.97
C GLU A 185 -5.21 -10.67 -17.32
N GLY A 186 -5.67 -9.45 -17.56
CA GLY A 186 -4.77 -8.37 -17.92
C GLY A 186 -4.41 -8.40 -19.39
N THR A 187 -5.03 -9.30 -20.15
CA THR A 187 -4.80 -9.46 -21.58
C THR A 187 -3.30 -9.46 -21.94
N ARG A 188 -2.55 -10.44 -21.42
CA ARG A 188 -1.11 -10.51 -21.68
C ARG A 188 -0.62 -11.71 -22.47
N GLY A 189 -1.24 -12.88 -22.29
CA GLY A 189 -0.80 -14.08 -22.98
C GLY A 189 -1.09 -14.33 -24.47
N ALA A 190 -2.31 -14.06 -24.91
CA ALA A 190 -2.67 -14.30 -26.30
C ALA A 190 -1.66 -13.77 -27.32
N ARG A 191 -1.28 -12.51 -27.19
CA ARG A 191 -0.33 -11.89 -28.12
C ARG A 191 0.93 -12.75 -28.30
N ALA A 192 1.48 -13.24 -27.20
CA ALA A 192 2.69 -14.05 -27.26
C ALA A 192 2.49 -15.37 -27.98
N MSE A 193 1.27 -15.93 -27.93
CA MSE A 193 1.01 -17.20 -28.61
C MSE A 193 0.75 -16.96 -30.08
O MSE A 193 1.04 -17.82 -30.92
CB MSE A 193 -0.20 -17.91 -27.99
CG MSE A 193 -0.09 -18.16 -26.49
SE MSE A 193 -1.01 -19.80 -25.99
CE MSE A 193 -2.80 -19.28 -26.29
N VAL A 194 0.18 -15.81 -30.40
CA VAL A 194 -0.10 -15.46 -31.77
C VAL A 194 1.24 -15.17 -32.45
N ALA A 195 2.11 -14.44 -31.76
CA ALA A 195 3.42 -14.10 -32.30
C ALA A 195 4.23 -15.36 -32.55
N ALA A 196 3.91 -16.42 -31.81
CA ALA A 196 4.60 -17.70 -31.96
C ALA A 196 4.03 -18.49 -33.15
N GLY A 197 2.92 -17.99 -33.71
CA GLY A 197 2.29 -18.64 -34.84
C GLY A 197 1.30 -19.76 -34.50
N VAL A 198 0.91 -19.86 -33.24
CA VAL A 198 -0.02 -20.89 -32.78
C VAL A 198 -1.33 -20.99 -33.58
N VAL A 199 -1.84 -19.88 -34.10
CA VAL A 199 -3.09 -19.98 -34.87
C VAL A 199 -2.93 -19.60 -36.34
N ASP A 200 -1.73 -19.64 -36.87
CA ASP A 200 -1.53 -19.27 -38.27
C ASP A 200 -2.05 -20.36 -39.23
N ASP A 201 -2.25 -21.57 -38.71
CA ASP A 201 -2.74 -22.68 -39.53
C ASP A 201 -4.14 -23.15 -39.11
N VAL A 202 -4.90 -22.29 -38.42
CA VAL A 202 -6.24 -22.64 -37.98
C VAL A 202 -7.34 -22.11 -38.91
N ASP A 203 -8.28 -22.99 -39.24
CA ASP A 203 -9.39 -22.66 -40.15
C ASP A 203 -10.64 -22.20 -39.41
N TYR A 204 -10.90 -22.81 -38.26
CA TYR A 204 -12.05 -22.47 -37.44
C TYR A 204 -11.60 -22.38 -35.99
N PHE A 205 -11.73 -21.18 -35.41
CA PHE A 205 -11.31 -20.92 -34.04
C PHE A 205 -12.49 -20.69 -33.13
N THR A 206 -12.41 -21.24 -31.92
CA THR A 206 -13.47 -21.10 -30.93
C THR A 206 -12.88 -20.94 -29.53
N ALA A 207 -13.18 -19.82 -28.89
CA ALA A 207 -12.73 -19.56 -27.54
C ALA A 207 -13.97 -19.74 -26.65
N ILE A 208 -13.80 -20.32 -25.48
CA ILE A 208 -14.93 -20.56 -24.59
C ILE A 208 -14.82 -19.75 -23.31
N HIS A 209 -15.94 -19.66 -22.59
CA HIS A 209 -15.96 -18.92 -21.34
C HIS A 209 -17.20 -19.22 -20.51
N ILE A 210 -17.02 -19.34 -19.20
CA ILE A 210 -18.12 -19.59 -18.29
C ILE A 210 -18.63 -18.24 -17.84
N GLY A 211 -19.58 -17.69 -18.61
CA GLY A 211 -20.14 -16.39 -18.30
C GLY A 211 -21.02 -16.37 -17.07
N THR A 212 -20.49 -15.81 -15.99
CA THR A 212 -21.22 -15.71 -14.72
C THR A 212 -22.32 -14.67 -14.85
N GLY A 213 -22.06 -13.63 -15.64
CA GLY A 213 -23.04 -12.59 -15.85
C GLY A 213 -24.07 -12.99 -16.88
N VAL A 214 -24.04 -14.26 -17.29
CA VAL A 214 -24.98 -14.78 -18.29
C VAL A 214 -25.93 -15.80 -17.65
N PRO A 215 -27.21 -15.80 -18.07
CA PRO A 215 -28.24 -16.71 -17.57
C PRO A 215 -27.86 -18.19 -17.62
N ALA A 216 -27.99 -18.87 -16.48
CA ALA A 216 -27.65 -20.30 -16.41
C ALA A 216 -28.54 -21.07 -17.38
N GLY A 217 -27.91 -21.80 -18.30
CA GLY A 217 -28.68 -22.56 -19.27
C GLY A 217 -28.64 -21.92 -20.64
N THR A 218 -28.18 -20.67 -20.70
CA THR A 218 -28.08 -19.94 -21.97
C THR A 218 -26.65 -20.04 -22.51
N VAL A 219 -26.51 -19.94 -23.83
CA VAL A 219 -25.19 -20.02 -24.47
C VAL A 219 -25.06 -18.99 -25.59
N VAL A 220 -24.12 -18.06 -25.45
CA VAL A 220 -23.88 -17.05 -26.47
C VAL A 220 -22.86 -17.60 -27.45
N CYS A 221 -23.22 -17.68 -28.72
CA CYS A 221 -22.29 -18.21 -29.71
C CYS A 221 -21.49 -17.12 -30.42
N GLY A 222 -21.80 -15.86 -30.11
CA GLY A 222 -21.09 -14.77 -30.74
C GLY A 222 -20.75 -13.61 -29.81
N GLY A 223 -19.80 -13.84 -28.90
CA GLY A 223 -19.40 -12.78 -28.00
C GLY A 223 -18.80 -11.62 -28.77
N ASP A 224 -19.51 -10.49 -28.77
CA ASP A 224 -19.07 -9.30 -29.48
C ASP A 224 -18.95 -8.10 -28.54
N ASN A 225 -19.23 -8.34 -27.26
CA ASN A 225 -19.17 -7.30 -26.23
C ASN A 225 -17.74 -7.00 -25.76
N PHE A 226 -16.75 -7.22 -26.62
CA PHE A 226 -15.35 -7.00 -26.24
C PHE A 226 -14.71 -5.77 -26.87
N MSE A 227 -14.14 -4.92 -26.03
CA MSE A 227 -13.50 -3.70 -26.50
C MSE A 227 -12.01 -3.88 -26.66
O MSE A 227 -11.38 -4.67 -25.96
CB MSE A 227 -13.74 -2.55 -25.51
CG MSE A 227 -15.20 -2.24 -25.25
SE MSE A 227 -15.43 -0.76 -23.99
CE MSE A 227 -15.48 0.70 -25.27
N ALA A 228 -11.43 -3.13 -27.60
CA ALA A 228 -10.00 -3.18 -27.80
C ALA A 228 -9.44 -2.43 -26.59
N THR A 229 -8.21 -2.71 -26.20
CA THR A 229 -7.70 -2.03 -25.05
C THR A 229 -6.19 -2.00 -25.02
N THR A 230 -5.64 -1.09 -24.22
CA THR A 230 -4.19 -0.99 -24.06
C THR A 230 -3.92 -0.82 -22.57
N LYS A 231 -3.06 -1.65 -22.02
CA LYS A 231 -2.71 -1.57 -20.59
C LYS A 231 -1.30 -1.01 -20.47
N PHE A 232 -1.10 -0.09 -19.53
CA PHE A 232 0.23 0.49 -19.35
C PHE A 232 0.43 1.17 -18.01
N ASP A 233 1.66 1.11 -17.53
CA ASP A 233 2.05 1.72 -16.27
C ASP A 233 2.91 2.93 -16.62
N VAL A 234 2.86 3.96 -15.81
CA VAL A 234 3.65 5.16 -16.03
C VAL A 234 4.43 5.45 -14.76
N GLN A 235 5.74 5.55 -14.89
CA GLN A 235 6.60 5.83 -13.73
C GLN A 235 7.11 7.26 -13.87
N PHE A 236 6.94 8.04 -12.81
CA PHE A 236 7.39 9.44 -12.80
C PHE A 236 8.54 9.58 -11.84
N SER A 237 9.60 10.24 -12.29
CA SER A 237 10.77 10.46 -11.46
C SER A 237 11.09 11.94 -11.44
N GLY A 238 11.28 12.47 -10.24
CA GLY A 238 11.60 13.87 -10.08
C GLY A 238 12.79 14.02 -9.14
N VAL A 239 13.97 13.68 -9.63
CA VAL A 239 15.16 13.78 -8.82
C VAL A 239 15.43 15.25 -8.48
N ALA A 240 15.68 15.52 -7.21
CA ALA A 240 15.96 16.88 -6.78
C ALA A 240 17.11 17.41 -7.62
N ALA A 241 17.00 18.67 -8.04
CA ALA A 241 18.02 19.31 -8.87
C ALA A 241 19.37 19.42 -8.14
N HIS A 242 19.33 19.48 -6.82
CA HIS A 242 20.52 19.57 -5.98
C HIS A 242 20.21 18.99 -4.60
N ALA A 243 21.25 18.60 -3.87
CA ALA A 243 21.05 18.05 -2.54
C ALA A 243 20.78 19.22 -1.59
N GLY A 244 20.47 18.89 -0.34
CA GLY A 244 20.20 19.94 0.63
C GLY A 244 18.73 19.98 0.95
N GLY A 245 17.91 19.49 0.03
CA GLY A 245 16.48 19.47 0.25
C GLY A 245 15.82 20.84 0.22
N LYS A 246 16.38 21.74 -0.57
CA LYS A 246 15.81 23.08 -0.68
C LYS A 246 14.57 23.00 -1.59
N PRO A 247 13.45 23.55 -1.12
CA PRO A 247 12.20 23.51 -1.89
C PRO A 247 12.35 23.91 -3.37
N GLU A 248 13.25 24.85 -3.65
CA GLU A 248 13.48 25.30 -5.02
C GLU A 248 14.14 24.23 -5.88
N ASP A 249 14.58 23.15 -5.26
CA ASP A 249 15.22 22.07 -6.00
C ASP A 249 14.31 20.85 -6.16
N GLY A 250 13.17 20.86 -5.48
CA GLY A 250 12.25 19.74 -5.57
C GLY A 250 11.53 19.69 -6.91
N ARG A 251 11.16 18.48 -7.32
CA ARG A 251 10.43 18.27 -8.57
C ARG A 251 9.36 17.26 -8.16
N ASN A 252 8.17 17.78 -7.85
CA ASN A 252 7.09 16.94 -7.36
C ASN A 252 6.45 15.95 -8.33
N ALA A 253 6.91 14.71 -8.26
CA ALA A 253 6.38 13.64 -9.11
C ALA A 253 4.91 13.33 -8.80
N LEU A 254 4.50 13.49 -7.54
CA LEU A 254 3.11 13.22 -7.13
C LEU A 254 2.16 14.20 -7.80
N LEU A 255 2.46 15.49 -7.71
CA LEU A 255 1.61 16.48 -8.34
C LEU A 255 1.58 16.25 -9.84
N ALA A 256 2.70 15.81 -10.42
CA ALA A 256 2.75 15.54 -11.86
C ALA A 256 1.80 14.39 -12.25
N ALA A 257 1.78 13.33 -11.44
CA ALA A 257 0.91 12.19 -11.72
C ALA A 257 -0.54 12.60 -11.44
N ALA A 258 -0.73 13.44 -10.44
CA ALA A 258 -2.06 13.92 -10.10
C ALA A 258 -2.62 14.66 -11.30
N GLN A 259 -1.84 15.58 -11.86
CA GLN A 259 -2.32 16.30 -13.04
C GLN A 259 -2.48 15.36 -14.22
N ALA A 260 -1.64 14.32 -14.27
CA ALA A 260 -1.70 13.32 -15.34
C ALA A 260 -3.05 12.61 -15.22
N ALA A 261 -3.32 12.08 -14.04
CA ALA A 261 -4.56 11.37 -13.77
C ALA A 261 -5.77 12.19 -14.26
N LEU A 262 -5.81 13.47 -13.93
CA LEU A 262 -6.93 14.31 -14.36
C LEU A 262 -6.97 14.42 -15.88
N GLY A 263 -5.82 14.70 -16.48
CA GLY A 263 -5.74 14.81 -17.92
C GLY A 263 -6.23 13.54 -18.59
N LEU A 264 -5.72 12.39 -18.15
CA LEU A 264 -6.10 11.09 -18.70
C LEU A 264 -7.61 10.90 -18.74
N HIS A 265 -8.26 11.10 -17.61
CA HIS A 265 -9.71 10.95 -17.53
C HIS A 265 -10.48 12.02 -18.30
N ALA A 266 -9.80 13.09 -18.68
CA ALA A 266 -10.46 14.16 -19.43
C ALA A 266 -10.36 13.95 -20.95
N ILE A 267 -9.66 12.91 -21.37
CA ILE A 267 -9.52 12.60 -22.79
C ILE A 267 -10.92 12.58 -23.43
N PRO A 268 -11.13 13.35 -24.51
CA PRO A 268 -12.41 13.42 -25.20
C PRO A 268 -12.90 12.11 -25.77
N PRO A 269 -14.23 11.90 -25.76
CA PRO A 269 -14.82 10.67 -26.29
C PRO A 269 -14.65 10.70 -27.81
N HIS A 270 -15.05 9.61 -28.47
CA HIS A 270 -14.93 9.51 -29.92
C HIS A 270 -16.30 9.31 -30.58
N SER A 271 -16.49 9.96 -31.72
CA SER A 271 -17.74 9.90 -32.47
C SER A 271 -18.11 8.53 -33.04
N ALA A 272 -17.09 7.74 -33.40
CA ALA A 272 -17.30 6.43 -33.99
C ALA A 272 -17.75 5.34 -33.03
N GLY A 273 -17.69 5.60 -31.72
CA GLY A 273 -18.11 4.59 -30.77
C GLY A 273 -17.65 4.84 -29.35
N ALA A 274 -18.02 3.94 -28.44
CA ALA A 274 -17.67 4.07 -27.03
C ALA A 274 -16.16 3.92 -26.77
N SER A 275 -15.71 4.51 -25.67
CA SER A 275 -14.30 4.45 -25.32
C SER A 275 -14.15 4.58 -23.80
N ARG A 276 -13.03 4.11 -23.27
CA ARG A 276 -12.80 4.19 -21.85
C ARG A 276 -11.34 4.52 -21.50
N VAL A 277 -11.17 4.99 -20.27
CA VAL A 277 -9.86 5.29 -19.74
C VAL A 277 -9.99 5.15 -18.23
N ASN A 278 -9.03 4.50 -17.62
CA ASN A 278 -9.10 4.32 -16.19
C ASN A 278 -7.73 4.24 -15.57
N VAL A 279 -7.50 5.11 -14.60
CA VAL A 279 -6.26 5.14 -13.86
C VAL A 279 -6.70 4.36 -12.62
N GLY A 280 -6.50 3.06 -12.63
CA GLY A 280 -6.93 2.26 -11.51
C GLY A 280 -6.03 2.28 -10.29
N VAL A 281 -4.76 2.63 -10.47
CA VAL A 281 -3.83 2.67 -9.35
C VAL A 281 -2.86 3.84 -9.40
N MSE A 282 -2.53 4.37 -8.22
CA MSE A 282 -1.56 5.45 -8.11
C MSE A 282 -0.82 5.33 -6.78
O MSE A 282 -1.42 5.18 -5.73
CB MSE A 282 -2.23 6.83 -8.21
CG MSE A 282 -1.18 7.97 -8.22
SE MSE A 282 -1.90 9.76 -8.53
CE MSE A 282 -0.67 10.77 -7.43
N GLN A 283 0.50 5.38 -6.85
CA GLN A 283 1.34 5.29 -5.67
C GLN A 283 2.40 6.37 -5.77
N ALA A 284 2.51 7.22 -4.76
CA ALA A 284 3.51 8.28 -4.78
C ALA A 284 3.96 8.69 -3.39
N GLY A 285 5.24 9.05 -3.30
CA GLY A 285 5.83 9.50 -2.05
C GLY A 285 6.48 8.45 -1.18
N THR A 286 7.31 8.89 -0.25
CA THR A 286 7.98 7.98 0.68
C THR A 286 7.68 8.38 2.12
N GLY A 287 7.39 9.66 2.33
CA GLY A 287 7.08 10.14 3.66
C GLY A 287 6.27 11.42 3.71
N ARG A 288 5.37 11.48 4.68
CA ARG A 288 4.49 12.61 4.92
C ARG A 288 5.13 14.00 4.71
N ASN A 289 6.25 14.24 5.37
CA ASN A 289 6.94 15.52 5.30
C ASN A 289 7.90 15.65 4.13
N VAL A 290 8.18 14.54 3.47
CA VAL A 290 9.11 14.56 2.35
C VAL A 290 8.44 14.92 1.02
N VAL A 291 9.09 15.81 0.28
CA VAL A 291 8.59 16.21 -1.02
C VAL A 291 8.76 14.99 -1.93
N PRO A 292 7.65 14.48 -2.49
CA PRO A 292 7.62 13.32 -3.37
C PRO A 292 8.50 13.47 -4.61
N SER A 293 9.33 12.46 -4.88
CA SER A 293 10.21 12.48 -6.03
C SER A 293 9.88 11.32 -6.97
N SER A 294 8.99 10.44 -6.53
CA SER A 294 8.60 9.27 -7.32
C SER A 294 7.09 9.03 -7.38
N ALA A 295 6.59 8.52 -8.49
CA ALA A 295 5.16 8.23 -8.61
C ALA A 295 4.87 7.16 -9.63
N LEU A 296 3.81 6.39 -9.40
CA LEU A 296 3.44 5.31 -10.30
C LEU A 296 1.96 5.30 -10.64
N LEU A 297 1.65 5.17 -11.92
CA LEU A 297 0.28 5.09 -12.39
C LEU A 297 0.04 3.80 -13.15
N LYS A 298 -1.13 3.20 -12.91
CA LYS A 298 -1.54 1.98 -13.58
C LYS A 298 -2.76 2.41 -14.38
N VAL A 299 -2.63 2.38 -15.71
CA VAL A 299 -3.71 2.85 -16.56
C VAL A 299 -4.15 1.81 -17.59
N GLU A 300 -5.30 2.07 -18.19
CA GLU A 300 -5.84 1.22 -19.25
C GLU A 300 -6.75 2.09 -20.12
N THR A 301 -6.70 1.87 -21.43
CA THR A 301 -7.53 2.60 -22.36
C THR A 301 -8.42 1.56 -23.03
N ARG A 302 -9.55 2.00 -23.58
CA ARG A 302 -10.46 1.10 -24.26
C ARG A 302 -11.27 1.85 -25.30
N GLY A 303 -11.60 1.13 -26.38
CA GLY A 303 -12.38 1.68 -27.46
C GLY A 303 -13.20 0.54 -28.06
N GLU A 304 -14.38 0.88 -28.59
CA GLU A 304 -15.27 -0.10 -29.21
C GLU A 304 -14.57 -0.75 -30.41
N SER A 305 -13.68 -0.01 -31.06
CA SER A 305 -12.96 -0.53 -32.21
C SER A 305 -11.47 -0.30 -31.99
N GLU A 306 -10.66 -0.98 -32.79
CA GLU A 306 -9.21 -0.87 -32.72
C GLU A 306 -8.77 0.59 -32.86
N ALA A 307 -9.31 1.24 -33.89
CA ALA A 307 -8.99 2.63 -34.17
C ALA A 307 -9.31 3.53 -32.97
N ILE A 308 -10.51 3.41 -32.45
CA ILE A 308 -10.88 4.24 -31.31
C ILE A 308 -9.92 4.08 -30.14
N ASN A 309 -9.57 2.85 -29.80
CA ASN A 309 -8.65 2.64 -28.69
C ASN A 309 -7.29 3.21 -29.02
N GLN A 310 -6.91 3.15 -30.30
CA GLN A 310 -5.62 3.69 -30.69
C GLN A 310 -5.65 5.20 -30.47
N TYR A 311 -6.78 5.81 -30.82
CA TYR A 311 -6.94 7.24 -30.64
C TYR A 311 -6.73 7.58 -29.17
N VAL A 312 -7.49 6.92 -28.29
CA VAL A 312 -7.38 7.18 -26.86
C VAL A 312 -5.95 7.03 -26.34
N PHE A 313 -5.25 5.99 -26.79
CA PHE A 313 -3.89 5.77 -26.33
C PHE A 313 -2.93 6.86 -26.82
N GLU A 314 -3.20 7.42 -28.00
CA GLU A 314 -2.35 8.48 -28.53
C GLU A 314 -2.42 9.70 -27.64
N ARG A 315 -3.65 10.07 -27.26
CA ARG A 315 -3.86 11.22 -26.40
C ARG A 315 -3.18 11.00 -25.05
N ALA A 316 -3.44 9.84 -24.47
CA ALA A 316 -2.86 9.48 -23.17
C ALA A 316 -1.35 9.74 -23.13
N GLN A 317 -0.63 9.31 -24.15
CA GLN A 317 0.81 9.53 -24.17
C GLN A 317 1.15 11.02 -24.15
N HIS A 318 0.33 11.84 -24.81
CA HIS A 318 0.59 13.27 -24.83
C HIS A 318 0.30 13.88 -23.46
N VAL A 319 -0.69 13.31 -22.78
CA VAL A 319 -1.08 13.75 -21.45
C VAL A 319 0.00 13.47 -20.40
N VAL A 320 0.54 12.25 -20.38
CA VAL A 320 1.55 11.93 -19.38
C VAL A 320 2.87 12.62 -19.67
N ALA A 321 3.17 12.82 -20.94
CA ALA A 321 4.42 13.46 -21.30
C ALA A 321 4.41 14.92 -20.84
N GLY A 322 3.33 15.63 -21.16
CA GLY A 322 3.22 17.02 -20.78
C GLY A 322 3.18 17.20 -19.27
N ALA A 323 2.48 16.30 -18.58
CA ALA A 323 2.38 16.37 -17.13
C ALA A 323 3.76 16.24 -16.52
N ALA A 324 4.59 15.35 -17.07
CA ALA A 324 5.94 15.18 -16.56
C ALA A 324 6.74 16.47 -16.81
N ALA A 325 6.55 17.06 -17.99
CA ALA A 325 7.27 18.30 -18.31
C ALA A 325 6.92 19.45 -17.35
N MSE A 326 5.64 19.61 -17.01
CA MSE A 326 5.18 20.67 -16.09
C MSE A 326 6.06 20.77 -14.84
O MSE A 326 6.42 21.86 -14.41
CB MSE A 326 3.74 20.44 -15.64
CG MSE A 326 2.67 20.76 -16.67
SE MSE A 326 0.87 20.45 -15.94
CE MSE A 326 0.74 21.98 -14.75
N TYR A 327 6.37 19.62 -14.27
CA TYR A 327 7.20 19.55 -13.07
C TYR A 327 8.64 19.21 -13.41
N GLU A 328 8.97 19.33 -14.69
CA GLU A 328 10.31 19.03 -15.18
C GLU A 328 10.80 17.72 -14.59
N ALA A 329 9.92 16.73 -14.64
CA ALA A 329 10.22 15.39 -14.15
C ALA A 329 10.35 14.44 -15.34
N ARG A 330 10.97 13.29 -15.13
CA ARG A 330 11.13 12.29 -16.19
C ARG A 330 10.00 11.27 -16.08
N TYR A 331 9.77 10.50 -17.13
CA TYR A 331 8.73 9.49 -17.09
C TYR A 331 9.09 8.25 -17.91
N GLU A 332 8.52 7.12 -17.52
CA GLU A 332 8.76 5.85 -18.19
C GLU A 332 7.42 5.15 -18.49
N LEU A 333 7.23 4.78 -19.75
CA LEU A 333 6.03 4.08 -20.19
C LEU A 333 6.30 2.59 -20.32
N ARG A 334 5.51 1.78 -19.63
CA ARG A 334 5.67 0.33 -19.69
C ARG A 334 4.38 -0.35 -20.17
N MSE A 335 4.43 -0.93 -21.37
CA MSE A 335 3.28 -1.64 -21.95
C MSE A 335 2.99 -2.87 -21.11
O MSE A 335 3.87 -3.72 -20.96
CB MSE A 335 3.57 -2.06 -23.38
CG MSE A 335 3.76 -0.92 -24.35
SE MSE A 335 2.25 0.31 -24.38
CE MSE A 335 3.23 1.94 -23.94
N MSE A 336 1.77 -2.98 -20.59
CA MSE A 336 1.41 -4.09 -19.73
C MSE A 336 0.41 -5.10 -20.28
O MSE A 336 0.07 -6.07 -19.61
CB MSE A 336 0.86 -3.53 -18.41
CG MSE A 336 1.85 -2.67 -17.65
SE MSE A 336 3.26 -3.70 -16.82
CE MSE A 336 4.22 -4.23 -18.40
N GLY A 337 -0.08 -4.88 -21.49
CA GLY A 337 -1.04 -5.80 -22.05
C GLY A 337 -1.89 -5.12 -23.09
N ALA A 338 -2.60 -5.91 -23.88
CA ALA A 338 -3.46 -5.35 -24.92
C ALA A 338 -4.34 -6.40 -25.57
N ALA A 339 -5.44 -5.94 -26.14
CA ALA A 339 -6.40 -6.80 -26.81
C ALA A 339 -7.09 -5.96 -27.89
N THR A 340 -7.83 -6.62 -28.77
CA THR A 340 -8.51 -5.93 -29.83
C THR A 340 -10.01 -6.13 -29.73
N ALA A 341 -10.74 -5.65 -30.74
CA ALA A 341 -12.19 -5.79 -30.77
C ALA A 341 -12.58 -7.14 -31.36
N SER A 342 -13.74 -7.63 -30.95
CA SER A 342 -14.24 -8.91 -31.42
C SER A 342 -15.34 -8.81 -32.46
N ALA A 343 -15.17 -9.51 -33.56
CA ALA A 343 -16.16 -9.54 -34.64
C ALA A 343 -16.31 -10.97 -35.13
N PRO A 344 -17.07 -11.79 -34.37
CA PRO A 344 -17.30 -13.20 -34.72
C PRO A 344 -17.70 -13.42 -36.18
N SER A 345 -17.29 -14.55 -36.74
CA SER A 345 -17.61 -14.90 -38.12
C SER A 345 -19.08 -15.36 -38.16
N PRO A 346 -19.95 -14.55 -38.79
CA PRO A 346 -21.38 -14.87 -38.89
C PRO A 346 -21.68 -16.34 -39.16
N ALA A 347 -21.11 -16.89 -40.23
CA ALA A 347 -21.33 -18.29 -40.57
C ALA A 347 -20.96 -19.25 -39.45
N TRP A 348 -19.79 -19.04 -38.84
CA TRP A 348 -19.34 -19.91 -37.76
C TRP A 348 -20.25 -19.79 -36.53
N VAL A 349 -20.77 -18.59 -36.28
CA VAL A 349 -21.64 -18.41 -35.13
C VAL A 349 -22.95 -19.16 -35.39
N ASP A 350 -23.39 -19.16 -36.65
CA ASP A 350 -24.61 -19.87 -37.03
C ASP A 350 -24.45 -21.34 -36.72
N TYR A 351 -23.34 -21.91 -37.20
CA TYR A 351 -23.03 -23.30 -36.98
C TYR A 351 -22.99 -23.62 -35.49
N LEU A 352 -22.38 -22.73 -34.71
CA LEU A 352 -22.26 -22.92 -33.27
C LEU A 352 -23.64 -22.87 -32.60
N ARG A 353 -24.50 -22.00 -33.11
CA ARG A 353 -25.85 -21.86 -32.57
C ARG A 353 -26.64 -23.13 -32.85
N GLU A 354 -26.57 -23.58 -34.10
CA GLU A 354 -27.28 -24.78 -34.53
C GLU A 354 -26.90 -26.02 -33.71
N GLN A 355 -25.62 -26.17 -33.39
CA GLN A 355 -25.17 -27.32 -32.62
C GLN A 355 -25.51 -27.19 -31.14
N ALA A 356 -25.38 -25.98 -30.61
CA ALA A 356 -25.66 -25.73 -29.20
C ALA A 356 -27.11 -25.98 -28.81
N ALA A 357 -28.02 -25.76 -29.76
CA ALA A 357 -29.45 -25.95 -29.51
C ALA A 357 -29.84 -27.38 -29.11
N ARG A 358 -29.15 -28.37 -29.68
CA ARG A 358 -29.44 -29.77 -29.41
C ARG A 358 -28.90 -30.26 -28.07
N VAL A 359 -27.87 -29.58 -27.56
CA VAL A 359 -27.26 -29.96 -26.29
C VAL A 359 -28.26 -29.82 -25.13
N PRO A 360 -28.35 -30.86 -24.28
CA PRO A 360 -29.25 -30.91 -23.13
C PRO A 360 -29.41 -29.61 -22.32
N GLY A 361 -28.44 -29.32 -21.47
CA GLY A 361 -28.52 -28.13 -20.64
C GLY A 361 -28.77 -26.81 -21.35
N VAL A 362 -28.72 -26.81 -22.68
CA VAL A 362 -28.92 -25.60 -23.44
C VAL A 362 -30.40 -25.30 -23.67
N GLN A 363 -30.87 -24.20 -23.08
CA GLN A 363 -32.26 -23.77 -23.20
C GLN A 363 -32.42 -22.73 -24.30
N GLN A 364 -31.38 -21.92 -24.50
CA GLN A 364 -31.39 -20.88 -25.52
C GLN A 364 -30.09 -20.88 -26.34
N ALA A 365 -30.14 -20.24 -27.51
CA ALA A 365 -28.98 -20.15 -28.39
C ALA A 365 -28.52 -18.71 -28.53
N VAL A 366 -29.47 -17.78 -28.33
CA VAL A 366 -29.26 -16.33 -28.40
C VAL A 366 -28.46 -15.78 -29.58
N ASP A 367 -27.25 -16.30 -29.83
CA ASP A 367 -26.40 -15.85 -30.93
C ASP A 367 -25.51 -14.68 -30.48
N ARG A 368 -26.16 -13.62 -30.03
CA ARG A 368 -25.49 -12.41 -29.53
C ARG A 368 -26.34 -11.89 -28.39
N ILE A 369 -25.70 -11.27 -27.40
CA ILE A 369 -26.43 -10.74 -26.25
C ILE A 369 -26.04 -9.29 -25.94
N ALA A 370 -26.73 -8.71 -24.96
CA ALA A 370 -26.44 -7.34 -24.55
C ALA A 370 -26.01 -7.38 -23.09
N ALA A 371 -24.70 -7.30 -22.87
CA ALA A 371 -24.16 -7.35 -21.52
C ALA A 371 -23.07 -6.30 -21.33
N PRO A 372 -22.66 -6.05 -20.07
CA PRO A 372 -21.62 -5.05 -19.81
C PRO A 372 -20.36 -5.38 -20.63
N ALA A 373 -19.83 -4.38 -21.30
CA ALA A 373 -18.63 -4.54 -22.14
C ALA A 373 -17.39 -4.89 -21.32
N GLY A 374 -16.47 -5.63 -21.95
CA GLY A 374 -15.23 -6.01 -21.28
C GLY A 374 -14.14 -6.21 -22.31
N SER A 375 -13.09 -6.93 -21.94
CA SER A 375 -11.98 -7.19 -22.87
C SER A 375 -11.44 -8.60 -22.66
N GLU A 376 -10.97 -9.20 -23.74
CA GLU A 376 -10.44 -10.56 -23.72
C GLU A 376 -9.37 -10.70 -24.79
N ASP A 377 -8.17 -11.14 -24.43
CA ASP A 377 -7.13 -11.23 -25.45
C ASP A 377 -7.36 -12.34 -26.49
N ALA A 378 -8.32 -13.21 -26.24
CA ALA A 378 -8.64 -14.26 -27.21
C ALA A 378 -8.98 -13.56 -28.53
N THR A 379 -9.41 -12.32 -28.45
CA THR A 379 -9.73 -11.55 -29.65
C THR A 379 -8.55 -11.50 -30.61
N LEU A 380 -7.34 -11.43 -30.07
CA LEU A 380 -6.12 -11.37 -30.88
C LEU A 380 -5.99 -12.61 -31.77
N MSE A 381 -6.29 -13.78 -31.21
CA MSE A 381 -6.22 -15.03 -31.99
C MSE A 381 -7.32 -15.04 -33.04
O MSE A 381 -7.12 -15.54 -34.13
CB MSE A 381 -6.41 -16.24 -31.08
CG MSE A 381 -5.36 -16.37 -30.00
SE MSE A 381 -5.58 -17.97 -28.95
CE MSE A 381 -4.49 -17.46 -27.48
N MSE A 382 -8.48 -14.49 -32.69
CA MSE A 382 -9.60 -14.43 -33.63
C MSE A 382 -9.24 -13.54 -34.82
O MSE A 382 -9.39 -13.95 -35.97
CB MSE A 382 -10.84 -13.83 -32.96
CG MSE A 382 -11.43 -14.69 -31.88
SE MSE A 382 -12.91 -13.81 -31.02
CE MSE A 382 -12.54 -14.38 -29.22
N ALA A 383 -8.77 -12.33 -34.52
CA ALA A 383 -8.40 -11.37 -35.54
C ALA A 383 -7.38 -11.96 -36.50
N ARG A 384 -6.41 -12.67 -35.94
CA ARG A 384 -5.37 -13.32 -36.72
C ARG A 384 -5.96 -14.36 -37.67
N VAL A 385 -6.68 -15.33 -37.10
CA VAL A 385 -7.33 -16.38 -37.89
C VAL A 385 -8.22 -15.79 -38.97
N GLN A 386 -8.92 -14.72 -38.65
CA GLN A 386 -9.80 -14.09 -39.62
C GLN A 386 -9.08 -13.38 -40.75
N ALA A 387 -7.93 -12.79 -40.44
CA ALA A 387 -7.16 -12.09 -41.45
C ALA A 387 -6.54 -13.10 -42.43
N ARG A 388 -6.35 -14.34 -41.97
CA ARG A 388 -5.76 -15.40 -42.77
C ARG A 388 -6.77 -16.29 -43.48
N GLY A 389 -8.02 -15.86 -43.52
CA GLY A 389 -9.05 -16.63 -44.20
C GLY A 389 -9.95 -17.52 -43.36
N GLY A 390 -9.49 -17.93 -42.18
CA GLY A 390 -10.32 -18.78 -41.34
C GLY A 390 -11.47 -18.00 -40.74
N LEU A 391 -12.27 -18.69 -39.91
CA LEU A 391 -13.40 -18.07 -39.23
C LEU A 391 -13.21 -18.33 -37.75
N ALA A 392 -13.89 -17.56 -36.90
CA ALA A 392 -13.75 -17.76 -35.46
C ALA A 392 -14.87 -17.11 -34.65
N SER A 393 -14.98 -17.51 -33.39
CA SER A 393 -15.99 -16.95 -32.51
C SER A 393 -15.64 -17.22 -31.06
N TYR A 394 -16.36 -16.55 -30.18
CA TYR A 394 -16.15 -16.68 -28.75
C TYR A 394 -17.45 -17.19 -28.14
N MSE A 395 -17.42 -18.41 -27.58
CA MSE A 395 -18.61 -18.98 -26.97
C MSE A 395 -18.67 -18.70 -25.48
O MSE A 395 -17.68 -18.77 -24.77
CB MSE A 395 -18.68 -20.49 -27.22
CG MSE A 395 -18.95 -20.88 -28.66
SE MSE A 395 -19.49 -22.74 -28.87
CE MSE A 395 -21.41 -22.49 -29.06
N ILE A 396 -19.88 -18.40 -25.01
CA ILE A 396 -20.13 -18.11 -23.61
C ILE A 396 -21.23 -19.04 -23.08
N PHE A 397 -20.98 -19.63 -21.92
CA PHE A 397 -21.94 -20.53 -21.27
C PHE A 397 -22.45 -19.92 -19.97
N GLY A 398 -23.76 -19.69 -19.92
CA GLY A 398 -24.37 -19.08 -18.73
C GLY A 398 -24.40 -19.97 -17.51
N THR A 399 -24.48 -19.34 -16.33
CA THR A 399 -24.53 -20.07 -15.06
C THR A 399 -25.21 -19.27 -13.94
N GLU A 400 -25.42 -17.97 -14.15
CA GLU A 400 -26.03 -17.11 -13.13
C GLU A 400 -27.40 -17.57 -12.62
N LEU A 401 -27.68 -17.22 -11.36
CA LEU A 401 -28.93 -17.58 -10.68
C LEU A 401 -29.37 -19.00 -11.05
N ASP A 413 -24.66 -25.73 -10.56
CA ASP A 413 -24.24 -24.85 -11.65
C ASP A 413 -22.71 -24.76 -11.78
N GLU A 414 -22.05 -25.87 -11.48
CA GLU A 414 -20.60 -25.98 -11.59
C GLU A 414 -20.42 -27.25 -12.41
N SER A 415 -21.54 -27.68 -12.99
CA SER A 415 -21.60 -28.85 -13.84
C SER A 415 -21.89 -28.33 -15.24
N VAL A 416 -21.71 -27.03 -15.40
CA VAL A 416 -21.91 -26.37 -16.69
C VAL A 416 -20.77 -26.80 -17.61
N MSE A 417 -19.82 -27.52 -17.04
CA MSE A 417 -18.68 -28.00 -17.80
C MSE A 417 -19.11 -29.14 -18.73
O MSE A 417 -18.60 -29.25 -19.84
CB MSE A 417 -17.59 -28.51 -16.86
CG MSE A 417 -17.27 -27.55 -15.72
SE MSE A 417 -15.57 -27.93 -14.90
CE MSE A 417 -16.01 -29.62 -14.04
N ALA A 418 -20.06 -29.94 -18.27
CA ALA A 418 -20.56 -31.05 -19.07
C ALA A 418 -21.24 -30.54 -20.32
N VAL A 419 -22.06 -29.50 -20.18
CA VAL A 419 -22.75 -28.94 -21.33
C VAL A 419 -21.76 -28.23 -22.25
N ALA A 420 -20.72 -27.65 -21.66
CA ALA A 420 -19.72 -26.96 -22.46
C ALA A 420 -18.96 -28.00 -23.28
N VAL A 421 -18.49 -29.06 -22.60
CA VAL A 421 -17.75 -30.14 -23.25
C VAL A 421 -18.53 -30.74 -24.43
N GLU A 422 -19.75 -31.20 -24.16
CA GLU A 422 -20.59 -31.79 -25.19
C GLU A 422 -20.86 -30.83 -26.36
N THR A 423 -21.10 -29.56 -26.05
CA THR A 423 -21.36 -28.58 -27.10
C THR A 423 -20.14 -28.42 -28.00
N LEU A 424 -18.97 -28.32 -27.39
CA LEU A 424 -17.73 -28.17 -28.13
C LEU A 424 -17.41 -29.47 -28.89
N ALA A 425 -17.47 -30.59 -28.20
CA ALA A 425 -17.20 -31.88 -28.84
C ALA A 425 -18.11 -32.05 -30.05
N ARG A 426 -19.37 -31.69 -29.87
CA ARG A 426 -20.37 -31.79 -30.94
C ARG A 426 -19.99 -30.89 -32.11
N VAL A 427 -19.45 -29.71 -31.81
CA VAL A 427 -19.05 -28.77 -32.85
C VAL A 427 -18.06 -29.43 -33.82
N ALA A 428 -17.15 -30.22 -33.27
CA ALA A 428 -16.14 -30.89 -34.08
C ALA A 428 -16.72 -32.08 -34.85
N LEU A 429 -17.26 -33.05 -34.12
CA LEU A 429 -17.84 -34.26 -34.70
C LEU A 429 -18.84 -33.98 -35.82
N ASN A 430 -19.66 -32.95 -35.65
CA ASN A 430 -20.69 -32.61 -36.61
C ASN A 430 -20.26 -31.75 -37.79
N PHE A 431 -19.00 -31.33 -37.79
CA PHE A 431 -18.49 -30.48 -38.86
C PHE A 431 -18.88 -31.01 -40.25
N PRO A 432 -19.33 -30.13 -41.15
CA PRO A 432 -19.72 -30.55 -42.49
C PRO A 432 -18.47 -30.77 -43.35
N TRP A 433 -17.77 -31.86 -43.07
CA TRP A 433 -16.53 -32.20 -43.79
C TRP A 433 -16.58 -32.01 -45.29
N GLN A 434 -17.65 -32.49 -45.93
CA GLN A 434 -17.78 -32.34 -47.38
C GLN A 434 -17.78 -30.87 -47.80
N ARG A 435 -18.89 -30.18 -47.53
CA ARG A 435 -19.01 -28.77 -47.88
C ARG A 435 -17.93 -27.92 -47.23
N LEU B 3 28.18 10.53 49.94
CA LEU B 3 28.74 11.53 48.98
C LEU B 3 28.16 12.92 49.25
N GLN B 4 28.72 13.92 48.58
CA GLN B 4 28.27 15.29 48.76
C GLN B 4 27.52 15.80 47.51
N LEU B 5 27.70 15.09 46.39
CA LEU B 5 27.07 15.37 45.08
C LEU B 5 27.99 15.02 43.94
N ASP B 6 29.16 15.65 43.92
CA ASP B 6 30.14 15.40 42.87
C ASP B 6 30.55 13.94 42.93
N GLU B 7 30.64 13.42 44.15
CA GLU B 7 31.01 12.04 44.36
C GLU B 7 29.86 11.15 43.88
N TYR B 8 28.65 11.50 44.31
CA TYR B 8 27.45 10.73 43.98
C TYR B 8 27.31 10.54 42.49
N LEU B 9 27.58 11.59 41.74
CA LEU B 9 27.47 11.53 40.30
C LEU B 9 28.49 10.57 39.71
N ARG B 10 29.68 10.52 40.29
CA ARG B 10 30.71 9.64 39.77
C ARG B 10 30.41 8.21 40.23
N GLN B 11 29.67 8.08 41.33
CA GLN B 11 29.30 6.78 41.84
C GLN B 11 27.98 6.32 41.20
N LEU B 12 27.46 7.14 40.29
CA LEU B 12 26.20 6.83 39.60
C LEU B 12 26.44 6.61 38.11
N ALA B 13 27.41 7.32 37.55
CA ALA B 13 27.73 7.21 36.13
C ALA B 13 27.69 5.79 35.58
N PRO B 14 28.18 4.80 36.35
CA PRO B 14 28.12 3.44 35.80
C PRO B 14 26.68 3.02 35.50
N SER B 15 25.81 3.07 36.50
CA SER B 15 24.41 2.71 36.33
C SER B 15 23.79 3.42 35.13
N MSE B 16 24.15 4.68 34.94
CA MSE B 16 23.59 5.45 33.84
C MSE B 16 23.90 4.89 32.46
O MSE B 16 23.02 4.83 31.61
CB MSE B 16 24.08 6.90 33.91
CG MSE B 16 23.43 7.69 35.01
SE MSE B 16 23.65 9.56 34.64
CE MSE B 16 22.37 9.69 33.20
N THR B 17 25.15 4.47 32.23
CA THR B 17 25.50 3.90 30.94
C THR B 17 24.82 2.54 30.80
N GLN B 18 24.61 1.89 31.94
CA GLN B 18 23.96 0.59 31.94
C GLN B 18 22.53 0.73 31.40
N TRP B 19 21.81 1.75 31.85
CA TRP B 19 20.45 1.97 31.38
C TRP B 19 20.44 2.39 29.91
N ARG B 20 21.40 3.25 29.53
CA ARG B 20 21.50 3.72 28.14
C ARG B 20 21.74 2.55 27.21
N ARG B 21 22.73 1.73 27.55
CA ARG B 21 23.06 0.56 26.73
C ARG B 21 21.83 -0.35 26.63
N ASP B 22 21.16 -0.55 27.76
CA ASP B 22 19.98 -1.39 27.80
C ASP B 22 18.84 -0.88 26.93
N PHE B 23 18.49 0.40 27.10
CA PHE B 23 17.40 0.96 26.29
C PHE B 23 17.75 1.04 24.81
N HIS B 24 19.02 1.23 24.50
CA HIS B 24 19.43 1.28 23.10
C HIS B 24 19.28 -0.10 22.50
N LEU B 25 19.81 -1.09 23.20
CA LEU B 25 19.71 -2.49 22.78
C LEU B 25 18.25 -2.87 22.58
N HIS B 26 17.42 -2.53 23.56
CA HIS B 26 15.99 -2.86 23.48
C HIS B 26 15.16 -1.63 23.10
N ALA B 27 15.54 -0.98 22.00
CA ALA B 27 14.86 0.22 21.53
C ALA B 27 13.42 -0.11 21.17
N GLU B 28 12.52 0.85 21.35
CA GLU B 28 11.10 0.64 21.04
C GLU B 28 10.51 1.84 20.32
N SER B 29 9.65 1.57 19.34
CA SER B 29 9.00 2.63 18.55
C SER B 29 7.84 3.32 19.29
N GLY B 30 7.40 4.44 18.74
CA GLY B 30 6.31 5.21 19.35
C GLY B 30 5.09 4.40 19.69
N TRP B 31 4.56 4.61 20.89
CA TRP B 31 3.38 3.90 21.38
C TRP B 31 3.65 2.44 21.75
N LEU B 32 4.89 2.00 21.59
CA LEU B 32 5.23 0.61 21.89
C LEU B 32 6.35 0.49 22.91
N GLU B 33 6.48 1.51 23.77
CA GLU B 33 7.53 1.56 24.78
C GLU B 33 7.22 0.77 26.04
N PHE B 34 6.65 -0.41 25.86
CA PHE B 34 6.25 -1.26 26.99
C PHE B 34 7.37 -1.67 27.93
N ARG B 35 8.44 -2.23 27.39
CA ARG B 35 9.55 -2.67 28.24
C ARG B 35 10.24 -1.47 28.90
N THR B 36 10.41 -0.40 28.14
CA THR B 36 11.06 0.79 28.68
C THR B 36 10.26 1.35 29.84
N ALA B 37 8.97 1.59 29.60
CA ALA B 37 8.10 2.13 30.65
C ALA B 37 8.12 1.23 31.89
N SER B 38 8.09 -0.08 31.68
CA SER B 38 8.13 -1.01 32.81
C SER B 38 9.42 -0.83 33.62
N LYS B 39 10.56 -0.87 32.94
CA LYS B 39 11.85 -0.68 33.61
C LYS B 39 11.86 0.65 34.35
N VAL B 40 11.50 1.73 33.64
CA VAL B 40 11.48 3.03 34.30
C VAL B 40 10.62 3.00 35.56
N ALA B 41 9.42 2.44 35.46
CA ALA B 41 8.53 2.39 36.62
C ALA B 41 9.16 1.57 37.77
N ASP B 42 9.73 0.42 37.44
CA ASP B 42 10.36 -0.43 38.45
C ASP B 42 11.45 0.32 39.21
N ILE B 43 12.31 1.00 38.47
CA ILE B 43 13.39 1.78 39.07
C ILE B 43 12.90 2.92 39.95
N LEU B 44 11.95 3.71 39.44
CA LEU B 44 11.41 4.85 40.16
C LEU B 44 10.65 4.43 41.40
N ASP B 45 9.90 3.35 41.30
CA ASP B 45 9.16 2.84 42.46
C ASP B 45 10.18 2.48 43.54
N GLY B 46 11.27 1.85 43.13
CA GLY B 46 12.33 1.50 44.06
C GLY B 46 12.87 2.72 44.78
N LEU B 47 12.99 3.84 44.08
CA LEU B 47 13.51 5.07 44.70
C LEU B 47 12.50 5.70 45.62
N GLY B 48 11.28 5.17 45.62
CA GLY B 48 10.25 5.74 46.49
C GLY B 48 9.41 6.81 45.84
N TYR B 49 9.36 6.82 44.51
CA TYR B 49 8.57 7.80 43.78
C TYR B 49 7.11 7.35 43.68
N GLN B 50 6.19 8.29 43.76
CA GLN B 50 4.80 7.97 43.60
C GLN B 50 4.62 7.92 42.08
N LEU B 51 3.89 6.95 41.57
CA LEU B 51 3.73 6.84 40.13
C LEU B 51 2.30 6.90 39.58
N ALA B 52 2.13 7.64 38.50
CA ALA B 52 0.85 7.73 37.81
C ALA B 52 1.25 7.05 36.51
N LEU B 53 0.50 6.03 36.12
CA LEU B 53 0.85 5.26 34.93
C LEU B 53 -0.23 5.14 33.88
N GLY B 54 0.21 4.83 32.66
CA GLY B 54 -0.66 4.61 31.53
C GLY B 54 -1.89 5.48 31.37
N ARG B 55 -3.05 4.83 31.38
CA ARG B 55 -4.32 5.53 31.22
C ARG B 55 -4.49 6.76 32.12
N ASP B 56 -3.91 6.75 33.33
CA ASP B 56 -4.05 7.90 34.22
C ASP B 56 -3.26 9.13 33.74
N VAL B 57 -2.36 8.94 32.77
CA VAL B 57 -1.53 10.06 32.31
C VAL B 57 -1.49 10.19 30.80
N ILE B 58 -2.28 9.39 30.11
CA ILE B 58 -2.36 9.42 28.66
C ILE B 58 -3.83 9.30 28.28
N ASP B 59 -4.46 10.41 27.91
CA ASP B 59 -5.86 10.37 27.50
C ASP B 59 -5.97 9.55 26.21
N ALA B 60 -6.75 8.47 26.26
CA ALA B 60 -6.90 7.59 25.09
C ALA B 60 -7.28 8.28 23.79
N ASP B 61 -8.39 9.01 23.80
CA ASP B 61 -8.87 9.67 22.59
C ASP B 61 -7.91 10.70 22.00
N SER B 62 -7.04 11.30 22.81
CA SER B 62 -6.11 12.30 22.28
C SER B 62 -4.87 11.73 21.62
N ARG B 63 -4.73 10.41 21.62
CA ARG B 63 -3.55 9.83 21.00
C ARG B 63 -3.62 9.92 19.49
N MSE B 64 -2.49 10.18 18.85
CA MSE B 64 -2.46 10.29 17.39
C MSE B 64 -1.43 9.34 16.79
O MSE B 64 -0.42 9.05 17.41
CB MSE B 64 -2.15 11.72 16.99
CG MSE B 64 -3.01 12.75 17.70
SE MSE B 64 -2.47 14.55 17.32
CE MSE B 64 -0.80 14.61 18.32
N GLY B 65 -1.70 8.88 15.57
CA GLY B 65 -0.78 7.98 14.90
C GLY B 65 -0.50 6.71 15.69
N LEU B 66 -1.56 6.14 16.25
CA LEU B 66 -1.46 4.91 17.04
C LEU B 66 -1.44 3.72 16.10
N PRO B 67 -0.63 2.69 16.41
CA PRO B 67 -0.55 1.49 15.57
C PRO B 67 -1.80 0.64 15.76
N ASP B 68 -2.08 -0.26 14.84
CA ASP B 68 -3.27 -1.11 14.95
C ASP B 68 -3.15 -2.13 16.08
N GLU B 69 -4.29 -2.65 16.52
CA GLU B 69 -4.35 -3.63 17.59
C GLU B 69 -3.31 -4.75 17.50
N GLU B 70 -3.22 -5.39 16.35
CA GLU B 70 -2.27 -6.48 16.16
C GLU B 70 -0.85 -6.06 16.48
N THR B 71 -0.48 -4.87 16.03
CA THR B 71 0.86 -4.35 16.26
C THR B 71 1.08 -4.02 17.74
N LEU B 72 0.04 -3.52 18.40
CA LEU B 72 0.17 -3.20 19.82
C LEU B 72 0.38 -4.51 20.59
N ALA B 73 -0.46 -5.50 20.30
CA ALA B 73 -0.38 -6.80 20.97
C ALA B 73 0.94 -7.53 20.75
N ARG B 74 1.45 -7.53 19.52
CA ARG B 74 2.72 -8.19 19.25
C ARG B 74 3.83 -7.56 20.06
N ALA B 75 3.91 -6.24 20.04
CA ALA B 75 4.93 -5.51 20.76
C ALA B 75 4.83 -5.72 22.27
N PHE B 76 3.60 -5.79 22.78
CA PHE B 76 3.37 -5.97 24.21
C PHE B 76 3.90 -7.33 24.63
N GLU B 77 3.60 -8.34 23.83
CA GLU B 77 4.06 -9.71 24.09
C GLU B 77 5.59 -9.80 23.94
N ARG B 78 6.13 -9.13 22.93
CA ARG B 78 7.57 -9.11 22.71
C ARG B 78 8.26 -8.48 23.92
N ALA B 79 7.69 -7.40 24.44
CA ALA B 79 8.29 -6.73 25.60
C ALA B 79 8.34 -7.67 26.81
N ARG B 80 7.30 -8.49 26.97
CA ARG B 80 7.26 -9.44 28.06
C ARG B 80 8.41 -10.42 27.88
N GLU B 81 8.55 -10.93 26.66
CA GLU B 81 9.60 -11.90 26.32
C GLU B 81 11.01 -11.31 26.33
N GLN B 82 11.12 -10.00 26.42
CA GLN B 82 12.44 -9.38 26.44
C GLN B 82 12.83 -8.91 27.83
N GLY B 83 12.06 -9.32 28.84
CA GLY B 83 12.40 -8.95 30.21
C GLY B 83 11.64 -7.82 30.91
N ALA B 84 10.57 -7.32 30.30
CA ALA B 84 9.82 -6.25 30.93
C ALA B 84 9.28 -6.71 32.29
N PRO B 85 9.55 -5.97 33.37
CA PRO B 85 9.07 -6.33 34.70
C PRO B 85 7.56 -6.56 34.69
N GLU B 86 7.16 -7.83 34.81
CA GLU B 86 5.76 -8.24 34.79
C GLU B 86 4.83 -7.54 35.76
N ARG B 87 5.40 -6.95 36.82
CA ARG B 87 4.61 -6.26 37.81
C ARG B 87 4.05 -4.94 37.25
N TRP B 88 4.78 -4.34 36.31
CA TRP B 88 4.36 -3.07 35.77
C TRP B 88 3.82 -3.14 34.34
N LEU B 89 4.26 -4.15 33.60
CA LEU B 89 3.86 -4.29 32.21
C LEU B 89 2.39 -4.09 31.88
N PRO B 90 1.48 -4.70 32.67
CA PRO B 90 0.03 -4.58 32.45
C PRO B 90 -0.56 -3.18 32.43
N ALA B 91 0.04 -2.24 33.14
CA ALA B 91 -0.48 -0.89 33.17
C ALA B 91 -0.32 -0.16 31.84
N PHE B 92 0.55 -0.66 30.97
CA PHE B 92 0.78 0.01 29.69
C PHE B 92 0.13 -0.67 28.51
N GLU B 93 -0.48 -1.82 28.75
CA GLU B 93 -1.12 -2.58 27.69
C GLU B 93 -2.11 -1.73 26.86
N GLY B 94 -1.95 -1.77 25.55
CA GLY B 94 -2.87 -1.04 24.69
C GLY B 94 -2.33 0.27 24.15
N GLY B 95 -1.04 0.51 24.31
CA GLY B 95 -0.47 1.75 23.81
C GLY B 95 -0.54 2.87 24.83
N PHE B 96 -0.22 2.56 26.08
CA PHE B 96 -0.25 3.57 27.13
C PHE B 96 1.05 3.54 27.91
N ALA B 97 2.17 3.40 27.20
CA ALA B 97 3.47 3.37 27.87
C ALA B 97 3.86 4.78 28.26
N GLY B 98 3.50 5.18 29.48
CA GLY B 98 3.80 6.51 29.97
C GLY B 98 3.89 6.51 31.48
N VAL B 99 4.77 7.35 32.04
CA VAL B 99 4.89 7.43 33.47
C VAL B 99 5.29 8.80 33.98
N VAL B 100 4.59 9.21 35.04
CA VAL B 100 4.83 10.47 35.72
C VAL B 100 5.21 10.09 37.14
N ALA B 101 6.42 10.42 37.54
CA ALA B 101 6.91 10.10 38.87
C ALA B 101 6.89 11.40 39.66
N THR B 102 6.37 11.34 40.89
CA THR B 102 6.28 12.52 41.74
C THR B 102 7.06 12.38 43.04
N LEU B 103 7.76 13.44 43.41
CA LEU B 103 8.51 13.48 44.65
C LEU B 103 7.98 14.68 45.42
N ASP B 104 7.15 14.42 46.42
CA ASP B 104 6.60 15.50 47.23
C ASP B 104 7.44 15.64 48.50
N THR B 105 8.21 16.71 48.58
CA THR B 105 9.06 16.95 49.74
C THR B 105 8.23 17.09 51.02
N GLY B 106 7.00 17.55 50.86
CA GLY B 106 6.13 17.73 52.00
C GLY B 106 6.11 19.19 52.43
N ARG B 107 7.19 19.89 52.10
CA ARG B 107 7.35 21.30 52.41
C ARG B 107 6.74 22.17 51.31
N PRO B 108 6.29 23.38 51.68
CA PRO B 108 5.69 24.28 50.68
C PRO B 108 6.72 24.74 49.65
N GLY B 109 6.30 24.86 48.40
CA GLY B 109 7.21 25.30 47.35
C GLY B 109 6.60 25.12 45.97
N PRO B 110 7.37 25.39 44.92
CA PRO B 110 6.86 25.25 43.55
C PRO B 110 6.94 23.82 43.04
N THR B 111 6.13 23.50 42.05
CA THR B 111 6.14 22.17 41.42
C THR B 111 7.02 22.25 40.18
N LEU B 112 8.19 21.62 40.24
CA LEU B 112 9.13 21.60 39.12
C LEU B 112 8.99 20.32 38.29
N ALA B 113 8.80 20.48 36.99
CA ALA B 113 8.65 19.31 36.14
C ALA B 113 9.76 19.19 35.10
N PHE B 114 10.24 17.96 34.87
CA PHE B 114 11.28 17.69 33.87
C PHE B 114 10.74 16.63 32.91
N ARG B 115 10.96 16.82 31.62
CA ARG B 115 10.43 15.88 30.65
C ARG B 115 11.43 15.23 29.69
N VAL B 116 11.28 13.91 29.52
CA VAL B 116 12.11 13.14 28.60
C VAL B 116 11.18 12.21 27.81
N ASP B 117 11.60 11.83 26.60
CA ASP B 117 10.80 10.93 25.77
C ASP B 117 11.46 9.55 25.77
N MSE B 118 10.70 8.50 25.48
CA MSE B 118 11.27 7.15 25.51
C MSE B 118 11.40 6.40 24.19
O MSE B 118 12.12 5.40 24.13
CB MSE B 118 10.45 6.26 26.45
CG MSE B 118 10.31 6.74 27.88
SE MSE B 118 9.17 5.52 28.86
CE MSE B 118 7.41 6.20 28.35
N ASP B 119 10.72 6.85 23.14
CA ASP B 119 10.75 6.14 21.87
C ASP B 119 11.97 6.32 20.98
N ALA B 120 12.07 5.46 19.96
CA ALA B 120 13.17 5.50 18.99
C ALA B 120 12.53 5.56 17.61
N LEU B 121 13.34 5.76 16.57
CA LEU B 121 12.82 5.86 15.20
C LEU B 121 12.43 4.53 14.55
N ASP B 122 11.58 4.62 13.54
CA ASP B 122 11.12 3.44 12.81
C ASP B 122 11.94 3.19 11.53
N LEU B 123 11.40 2.37 10.63
CA LEU B 123 12.05 2.06 9.37
C LEU B 123 11.60 3.03 8.29
N ASP B 152 17.03 8.48 21.47
CA ASP B 152 16.49 9.03 22.70
C ASP B 152 17.17 8.45 23.95
N GLY B 153 18.42 8.87 24.19
CA GLY B 153 19.16 8.41 25.37
C GLY B 153 18.69 9.27 26.55
N HIS B 154 17.57 9.93 26.33
CA HIS B 154 16.90 10.82 27.27
C HIS B 154 16.38 10.09 28.52
N THR B 155 15.90 8.87 28.34
CA THR B 155 15.36 8.08 29.44
C THR B 155 16.40 7.87 30.55
N ALA B 156 17.62 7.48 30.18
CA ALA B 156 18.67 7.27 31.17
C ALA B 156 18.91 8.56 31.92
N ILE B 157 19.02 9.66 31.19
CA ILE B 157 19.21 10.95 31.82
C ILE B 157 18.10 11.16 32.85
N GLY B 158 16.86 10.86 32.45
CA GLY B 158 15.74 11.02 33.36
C GLY B 158 15.88 10.17 34.60
N LEU B 159 16.36 8.95 34.44
CA LEU B 159 16.53 8.07 35.58
C LEU B 159 17.64 8.57 36.51
N GLY B 160 18.74 9.03 35.93
CA GLY B 160 19.82 9.55 36.75
C GLY B 160 19.37 10.73 37.59
N LEU B 161 18.69 11.68 36.95
CA LEU B 161 18.20 12.86 37.64
C LEU B 161 17.28 12.45 38.77
N ALA B 162 16.52 11.38 38.56
CA ALA B 162 15.60 10.89 39.59
C ALA B 162 16.39 10.39 40.82
N HIS B 163 17.53 9.73 40.57
CA HIS B 163 18.38 9.22 41.65
C HIS B 163 18.98 10.36 42.49
N VAL B 164 19.57 11.34 41.84
CA VAL B 164 20.19 12.45 42.53
C VAL B 164 19.18 13.23 43.37
N LEU B 165 18.04 13.58 42.77
CA LEU B 165 17.01 14.32 43.49
C LEU B 165 16.48 13.60 44.71
N LYS B 166 16.53 12.27 44.71
CA LYS B 166 16.05 11.52 45.86
C LYS B 166 17.13 11.61 46.94
N GLN B 167 18.39 11.46 46.53
CA GLN B 167 19.50 11.53 47.44
C GLN B 167 19.56 12.85 48.19
N TYR B 168 19.09 13.92 47.54
CA TYR B 168 19.11 15.24 48.14
C TYR B 168 17.74 15.85 48.34
N ALA B 169 16.75 15.00 48.56
CA ALA B 169 15.38 15.45 48.77
C ALA B 169 15.32 16.46 49.91
N ALA B 170 16.21 16.30 50.89
CA ALA B 170 16.25 17.18 52.07
C ALA B 170 16.52 18.64 51.70
N GLN B 171 17.29 18.85 50.64
CA GLN B 171 17.63 20.19 50.20
C GLN B 171 16.63 20.71 49.18
N LEU B 172 15.51 20.03 49.05
CA LEU B 172 14.47 20.44 48.11
C LEU B 172 13.20 20.85 48.84
N ASN B 173 12.35 21.59 48.15
CA ASN B 173 11.07 22.04 48.68
C ASN B 173 10.02 21.78 47.62
N GLY B 174 8.76 21.98 47.96
CA GLY B 174 7.70 21.77 46.98
C GLY B 174 7.70 20.38 46.38
N VAL B 175 7.28 20.29 45.12
CA VAL B 175 7.18 19.02 44.41
C VAL B 175 8.13 18.90 43.21
N ILE B 176 8.49 17.67 42.91
CA ILE B 176 9.35 17.37 41.77
C ILE B 176 8.58 16.37 40.92
N LYS B 177 8.39 16.67 39.64
CA LYS B 177 7.68 15.76 38.75
C LYS B 177 8.53 15.38 37.54
N LEU B 178 8.59 14.08 37.26
CA LEU B 178 9.36 13.57 36.13
C LEU B 178 8.42 12.91 35.13
N ILE B 179 8.30 13.53 33.95
CA ILE B 179 7.43 13.03 32.88
C ILE B 179 8.22 12.18 31.89
N PHE B 180 7.83 10.92 31.72
CA PHE B 180 8.49 10.07 30.73
C PHE B 180 7.45 9.91 29.63
N GLN B 181 7.68 10.61 28.51
CA GLN B 181 6.74 10.64 27.41
C GLN B 181 6.94 9.69 26.25
N PRO B 182 5.85 9.11 25.74
CA PRO B 182 5.88 8.18 24.61
C PRO B 182 5.66 8.94 23.32
N ALA B 183 5.96 8.27 22.21
CA ALA B 183 5.77 8.79 20.87
C ALA B 183 6.14 10.25 20.58
N GLU B 184 7.37 10.63 20.87
CA GLU B 184 7.79 11.99 20.57
C GLU B 184 8.07 12.07 19.07
N GLU B 185 8.48 10.95 18.46
CA GLU B 185 8.76 10.95 17.02
C GLU B 185 7.43 11.08 16.29
N GLY B 186 7.37 12.02 15.37
CA GLY B 186 6.14 12.24 14.63
C GLY B 186 5.19 13.11 15.43
N THR B 187 5.71 13.69 16.52
CA THR B 187 4.93 14.57 17.41
C THR B 187 3.56 13.96 17.68
N ARG B 188 3.54 12.79 18.31
CA ARG B 188 2.28 12.09 18.58
C ARG B 188 1.85 11.92 20.03
N GLY B 189 2.80 11.97 20.98
CA GLY B 189 2.44 11.70 22.36
C GLY B 189 2.10 12.76 23.39
N ALA B 190 2.74 13.92 23.28
CA ALA B 190 2.52 14.99 24.23
C ALA B 190 1.07 15.44 24.37
N ARG B 191 0.32 15.44 23.27
CA ARG B 191 -1.07 15.89 23.33
C ARG B 191 -1.89 15.11 24.33
N ALA B 192 -1.78 13.78 24.29
CA ALA B 192 -2.55 12.93 25.19
C ALA B 192 -2.18 13.15 26.66
N MSE B 193 -0.91 13.46 26.94
CA MSE B 193 -0.53 13.69 28.33
C MSE B 193 -1.10 15.03 28.79
O MSE B 193 -1.58 15.16 29.91
CB MSE B 193 0.99 13.65 28.52
CG MSE B 193 1.59 12.27 28.22
SE MSE B 193 3.40 12.07 28.92
CE MSE B 193 3.08 10.65 30.25
N VAL B 194 -1.06 16.03 27.92
CA VAL B 194 -1.59 17.34 28.30
C VAL B 194 -3.08 17.21 28.60
N ALA B 195 -3.76 16.41 27.80
CA ALA B 195 -5.20 16.20 27.96
C ALA B 195 -5.51 15.40 29.23
N ALA B 196 -4.51 14.70 29.76
CA ALA B 196 -4.71 13.92 30.98
C ALA B 196 -4.46 14.75 32.23
N GLY B 197 -4.02 16.00 32.04
CA GLY B 197 -3.77 16.89 33.17
C GLY B 197 -2.36 16.84 33.74
N VAL B 198 -1.49 16.07 33.09
CA VAL B 198 -0.12 15.90 33.54
C VAL B 198 0.66 17.16 33.89
N VAL B 199 0.46 18.26 33.18
CA VAL B 199 1.21 19.46 33.51
C VAL B 199 0.37 20.61 34.05
N ASP B 200 -0.88 20.35 34.43
CA ASP B 200 -1.73 21.42 34.94
C ASP B 200 -1.36 21.97 36.33
N ASP B 201 -0.55 21.22 37.08
CA ASP B 201 -0.13 21.67 38.40
C ASP B 201 1.35 22.03 38.37
N VAL B 202 1.89 22.28 37.19
CA VAL B 202 3.31 22.62 37.07
C VAL B 202 3.61 24.11 37.05
N ASP B 203 4.61 24.51 37.83
CA ASP B 203 5.01 25.91 37.92
C ASP B 203 6.22 26.19 37.02
N TYR B 204 7.15 25.24 36.96
CA TYR B 204 8.35 25.38 36.14
C TYR B 204 8.54 24.10 35.36
N PHE B 205 8.59 24.22 34.05
CA PHE B 205 8.74 23.09 33.15
C PHE B 205 10.01 23.19 32.33
N THR B 206 10.66 22.05 32.12
CA THR B 206 11.87 22.00 31.33
C THR B 206 11.95 20.72 30.53
N ALA B 207 11.92 20.83 29.20
CA ALA B 207 12.02 19.64 28.34
C ALA B 207 13.50 19.45 28.06
N ILE B 208 13.95 18.21 28.10
CA ILE B 208 15.35 17.86 27.89
C ILE B 208 15.58 17.14 26.56
N HIS B 209 16.64 17.53 25.86
CA HIS B 209 16.93 16.90 24.58
C HIS B 209 18.42 16.87 24.31
N ILE B 210 18.88 15.82 23.64
CA ILE B 210 20.29 15.70 23.29
C ILE B 210 20.42 16.23 21.88
N GLY B 211 21.19 17.29 21.70
CA GLY B 211 21.33 17.87 20.37
C GLY B 211 22.52 17.38 19.58
N THR B 212 22.27 16.65 18.50
CA THR B 212 23.34 16.16 17.65
C THR B 212 23.82 17.29 16.75
N GLY B 213 22.90 18.16 16.35
CA GLY B 213 23.27 19.28 15.50
C GLY B 213 23.74 20.48 16.29
N VAL B 214 24.22 20.25 17.51
CA VAL B 214 24.71 21.33 18.38
C VAL B 214 26.11 21.01 18.91
N PRO B 215 27.01 22.02 18.90
CA PRO B 215 28.41 21.88 19.36
C PRO B 215 28.60 21.08 20.64
N ALA B 216 29.60 20.21 20.60
CA ALA B 216 29.96 19.32 21.70
C ALA B 216 29.94 19.89 23.11
N GLY B 217 30.08 21.19 23.27
CA GLY B 217 30.07 21.72 24.62
C GLY B 217 29.01 22.75 24.89
N THR B 218 28.22 23.05 23.87
CA THR B 218 27.17 24.04 24.00
C THR B 218 25.90 23.49 24.64
N VAL B 219 25.16 24.36 25.30
CA VAL B 219 23.92 23.98 25.96
C VAL B 219 22.93 25.11 25.71
N VAL B 220 21.97 24.86 24.83
CA VAL B 220 20.94 25.83 24.50
C VAL B 220 19.88 25.72 25.59
N CYS B 221 19.57 26.84 26.23
CA CYS B 221 18.59 26.84 27.32
C CYS B 221 17.22 27.37 26.96
N GLY B 222 17.06 27.84 25.72
CA GLY B 222 15.76 28.34 25.30
C GLY B 222 15.47 28.01 23.85
N GLY B 223 15.67 26.74 23.48
CA GLY B 223 15.42 26.33 22.11
C GLY B 223 14.02 26.68 21.67
N ASP B 224 13.91 27.29 20.49
CA ASP B 224 12.61 27.69 19.96
C ASP B 224 12.57 27.56 18.43
N ASN B 225 13.37 26.64 17.90
CA ASN B 225 13.41 26.42 16.47
C ASN B 225 12.38 25.35 16.11
N PHE B 226 11.18 25.52 16.66
CA PHE B 226 10.08 24.59 16.45
C PHE B 226 8.87 25.29 15.86
N MSE B 227 8.41 24.83 14.70
CA MSE B 227 7.23 25.42 14.06
C MSE B 227 6.01 24.63 14.49
O MSE B 227 6.10 23.44 14.79
CB MSE B 227 7.33 25.34 12.55
CG MSE B 227 8.34 26.25 11.91
SE MSE B 227 8.33 25.93 10.01
CE MSE B 227 6.77 26.98 9.52
N ALA B 228 4.86 25.30 14.54
CA ALA B 228 3.63 24.64 14.89
C ALA B 228 3.33 23.70 13.70
N THR B 229 2.67 22.58 13.95
CA THR B 229 2.39 21.67 12.86
C THR B 229 1.22 20.76 13.09
N THR B 230 0.67 20.26 12.00
CA THR B 230 -0.43 19.34 12.05
C THR B 230 -0.14 18.27 11.00
N LYS B 231 -0.21 17.01 11.42
CA LYS B 231 0.03 15.89 10.52
C LYS B 231 -1.27 15.11 10.48
N PHE B 232 -1.76 14.81 9.28
CA PHE B 232 -2.98 14.06 9.21
C PHE B 232 -3.13 13.24 7.95
N ASP B 233 -4.01 12.25 8.02
CA ASP B 233 -4.29 11.38 6.88
C ASP B 233 -5.72 11.63 6.43
N VAL B 234 -5.95 11.48 5.14
CA VAL B 234 -7.28 11.66 4.59
C VAL B 234 -7.57 10.42 3.79
N GLN B 235 -8.62 9.71 4.19
CA GLN B 235 -9.05 8.49 3.50
C GLN B 235 -10.28 8.89 2.72
N PHE B 236 -10.25 8.67 1.42
CA PHE B 236 -11.37 9.00 0.55
C PHE B 236 -12.05 7.69 0.21
N SER B 237 -13.36 7.62 0.44
CA SER B 237 -14.09 6.39 0.12
C SER B 237 -15.18 6.62 -0.91
N GLY B 238 -15.06 5.91 -2.03
CA GLY B 238 -16.03 6.03 -3.11
C GLY B 238 -16.76 4.71 -3.33
N VAL B 239 -17.10 4.43 -4.58
CA VAL B 239 -17.80 3.21 -4.95
C VAL B 239 -17.04 2.55 -6.09
N ALA B 240 -16.59 1.32 -5.88
CA ALA B 240 -15.85 0.61 -6.91
C ALA B 240 -16.80 0.19 -8.03
N ALA B 241 -16.25 0.04 -9.23
CA ALA B 241 -17.04 -0.38 -10.38
C ALA B 241 -16.09 -0.84 -11.46
N HIS B 242 -16.60 -1.66 -12.37
CA HIS B 242 -15.77 -2.16 -13.46
C HIS B 242 -15.53 -1.03 -14.46
N ALA B 243 -14.26 -0.67 -14.61
CA ALA B 243 -13.83 0.42 -15.50
C ALA B 243 -14.46 0.40 -16.90
N GLY B 244 -14.50 -0.77 -17.52
CA GLY B 244 -15.07 -0.85 -18.86
C GLY B 244 -16.56 -1.14 -18.93
N GLY B 245 -17.04 -2.00 -18.04
CA GLY B 245 -18.45 -2.36 -18.04
C GLY B 245 -19.48 -1.35 -17.59
N LYS B 246 -19.30 -0.79 -16.40
CA LYS B 246 -20.26 0.16 -15.86
C LYS B 246 -19.61 1.41 -15.23
N PRO B 247 -18.87 2.19 -16.03
CA PRO B 247 -18.22 3.40 -15.51
C PRO B 247 -19.14 4.41 -14.81
N GLU B 248 -20.43 4.38 -15.10
CA GLU B 248 -21.36 5.31 -14.46
C GLU B 248 -21.64 4.97 -12.99
N ASP B 249 -21.39 3.72 -12.60
CA ASP B 249 -21.62 3.31 -11.21
C ASP B 249 -20.44 3.67 -10.32
N GLY B 250 -19.35 4.11 -10.93
CA GLY B 250 -18.19 4.48 -10.14
C GLY B 250 -18.22 5.86 -9.51
N ARG B 251 -17.46 5.99 -8.44
CA ARG B 251 -17.30 7.24 -7.70
C ARG B 251 -15.82 7.17 -7.37
N ASN B 252 -15.05 7.82 -8.22
CA ASN B 252 -13.59 7.85 -8.16
C ASN B 252 -12.94 8.58 -6.98
N ALA B 253 -12.50 7.81 -6.01
CA ALA B 253 -11.83 8.35 -4.83
C ALA B 253 -10.43 8.82 -5.27
N LEU B 254 -9.87 8.16 -6.28
CA LEU B 254 -8.53 8.52 -6.74
C LEU B 254 -8.51 9.93 -7.31
N LEU B 255 -9.47 10.24 -8.16
CA LEU B 255 -9.53 11.58 -8.73
C LEU B 255 -9.81 12.59 -7.64
N ALA B 256 -10.58 12.21 -6.63
CA ALA B 256 -10.88 13.13 -5.53
C ALA B 256 -9.59 13.49 -4.79
N ALA B 257 -8.75 12.49 -4.52
CA ALA B 257 -7.47 12.74 -3.84
C ALA B 257 -6.54 13.58 -4.72
N ALA B 258 -6.55 13.32 -6.02
CA ALA B 258 -5.70 14.05 -6.95
C ALA B 258 -6.05 15.53 -6.94
N GLN B 259 -7.35 15.82 -6.99
CA GLN B 259 -7.82 17.19 -6.98
C GLN B 259 -7.58 17.85 -5.62
N ALA B 260 -7.65 17.05 -4.55
CA ALA B 260 -7.40 17.58 -3.21
C ALA B 260 -5.93 17.94 -3.13
N ALA B 261 -5.09 17.01 -3.62
CA ALA B 261 -3.63 17.22 -3.63
C ALA B 261 -3.29 18.54 -4.32
N LEU B 262 -3.85 18.78 -5.50
CA LEU B 262 -3.59 20.04 -6.18
C LEU B 262 -4.09 21.21 -5.33
N GLY B 263 -5.31 21.14 -4.82
CA GLY B 263 -5.84 22.22 -4.02
C GLY B 263 -4.99 22.50 -2.78
N LEU B 264 -4.53 21.43 -2.13
CA LEU B 264 -3.71 21.57 -0.94
C LEU B 264 -2.41 22.36 -1.21
N HIS B 265 -1.76 22.09 -2.33
CA HIS B 265 -0.52 22.80 -2.66
C HIS B 265 -0.74 24.21 -3.23
N ALA B 266 -2.00 24.60 -3.40
CA ALA B 266 -2.32 25.94 -3.89
C ALA B 266 -2.77 26.85 -2.76
N ILE B 267 -2.83 26.32 -1.54
CA ILE B 267 -3.23 27.10 -0.39
C ILE B 267 -2.37 28.35 -0.26
N PRO B 268 -3.01 29.53 -0.26
CA PRO B 268 -2.33 30.82 -0.16
C PRO B 268 -1.50 30.94 1.11
N PRO B 269 -0.39 31.69 1.03
CA PRO B 269 0.47 31.87 2.20
C PRO B 269 -0.26 32.75 3.21
N HIS B 270 0.39 33.03 4.34
CA HIS B 270 -0.20 33.87 5.37
C HIS B 270 0.68 35.08 5.51
N SER B 271 0.06 36.25 5.69
CA SER B 271 0.82 37.48 5.83
C SER B 271 1.78 37.54 7.02
N ALA B 272 1.38 36.97 8.15
CA ALA B 272 2.19 37.02 9.37
C ALA B 272 3.44 36.16 9.43
N GLY B 273 3.63 35.28 8.46
CA GLY B 273 4.81 34.44 8.51
C GLY B 273 4.78 33.19 7.67
N ALA B 274 5.87 32.43 7.75
CA ALA B 274 6.05 31.21 7.00
C ALA B 274 5.07 30.10 7.31
N SER B 275 4.72 29.33 6.28
CA SER B 275 3.79 28.23 6.42
C SER B 275 4.07 27.31 5.24
N ARG B 276 3.68 26.05 5.38
CA ARG B 276 3.89 25.10 4.30
C ARG B 276 2.88 23.95 4.37
N VAL B 277 2.55 23.43 3.20
CA VAL B 277 1.65 22.29 3.09
C VAL B 277 2.35 21.25 2.23
N ASN B 278 2.27 19.98 2.62
CA ASN B 278 2.92 18.96 1.83
C ASN B 278 2.13 17.66 1.80
N VAL B 279 1.86 17.16 0.60
CA VAL B 279 1.16 15.90 0.44
C VAL B 279 2.30 14.93 0.20
N GLY B 280 2.81 14.35 1.27
CA GLY B 280 3.94 13.45 1.14
C GLY B 280 3.68 12.08 0.56
N VAL B 281 2.46 11.58 0.71
CA VAL B 281 2.15 10.25 0.19
C VAL B 281 0.75 10.12 -0.35
N MSE B 282 0.61 9.41 -1.46
CA MSE B 282 -0.70 9.16 -2.02
C MSE B 282 -0.75 7.71 -2.49
O MSE B 282 0.12 7.25 -3.22
CB MSE B 282 -1.04 10.08 -3.19
CG MSE B 282 -2.53 9.97 -3.58
SE MSE B 282 -3.19 10.93 -5.15
CE MSE B 282 -3.43 12.69 -4.41
N GLN B 283 -1.76 6.99 -2.01
CA GLN B 283 -1.96 5.60 -2.37
C GLN B 283 -3.44 5.50 -2.70
N ALA B 284 -3.75 4.95 -3.86
CA ALA B 284 -5.14 4.81 -4.24
C ALA B 284 -5.35 3.70 -5.26
N GLY B 285 -6.54 3.11 -5.23
CA GLY B 285 -6.88 2.06 -6.18
C GLY B 285 -6.64 0.61 -5.81
N THR B 286 -7.49 -0.25 -6.39
CA THR B 286 -7.44 -1.68 -6.17
C THR B 286 -6.82 -2.37 -7.38
N GLY B 287 -7.28 -1.98 -8.56
CA GLY B 287 -6.75 -2.58 -9.77
C GLY B 287 -6.96 -1.75 -11.01
N ARG B 288 -6.12 -2.03 -12.01
CA ARG B 288 -6.13 -1.36 -13.30
C ARG B 288 -7.50 -1.23 -13.98
N ASN B 289 -8.34 -2.23 -13.85
CA ASN B 289 -9.64 -2.22 -14.51
C ASN B 289 -10.81 -1.94 -13.58
N VAL B 290 -10.52 -1.41 -12.40
CA VAL B 290 -11.55 -1.09 -11.43
C VAL B 290 -11.49 0.39 -11.09
N VAL B 291 -12.65 1.03 -11.01
CA VAL B 291 -12.66 2.44 -10.65
C VAL B 291 -12.24 2.51 -9.18
N PRO B 292 -11.18 3.25 -8.87
CA PRO B 292 -10.71 3.39 -7.48
C PRO B 292 -11.80 3.83 -6.52
N SER B 293 -11.96 3.11 -5.43
CA SER B 293 -12.98 3.44 -4.45
C SER B 293 -12.34 3.79 -3.13
N SER B 294 -11.02 3.64 -3.08
CA SER B 294 -10.24 3.95 -1.88
C SER B 294 -9.03 4.80 -2.25
N ALA B 295 -8.75 5.83 -1.45
CA ALA B 295 -7.59 6.70 -1.71
C ALA B 295 -7.09 7.28 -0.40
N LEU B 296 -5.78 7.37 -0.24
CA LEU B 296 -5.21 7.89 0.99
C LEU B 296 -4.15 8.96 0.78
N LEU B 297 -4.26 10.04 1.56
CA LEU B 297 -3.28 11.11 1.49
C LEU B 297 -2.67 11.27 2.86
N LYS B 298 -1.35 11.37 2.89
CA LYS B 298 -0.64 11.60 4.13
C LYS B 298 -0.16 13.01 3.93
N VAL B 299 -0.70 13.92 4.74
CA VAL B 299 -0.39 15.32 4.64
C VAL B 299 0.30 15.90 5.87
N GLU B 300 1.01 17.01 5.66
CA GLU B 300 1.67 17.72 6.74
C GLU B 300 1.47 19.21 6.54
N THR B 301 1.11 19.87 7.62
CA THR B 301 0.84 21.29 7.68
C THR B 301 1.86 21.91 8.62
N ARG B 302 2.43 23.06 8.25
CA ARG B 302 3.43 23.75 9.07
C ARG B 302 3.16 25.26 9.17
N GLY B 303 3.57 25.87 10.28
CA GLY B 303 3.36 27.29 10.47
C GLY B 303 4.34 27.95 11.42
N GLU B 304 4.72 29.18 11.12
CA GLU B 304 5.66 29.90 11.98
C GLU B 304 5.03 30.13 13.36
N SER B 305 3.71 30.20 13.41
CA SER B 305 3.04 30.39 14.69
C SER B 305 1.84 29.47 14.78
N GLU B 306 1.28 29.35 15.97
CA GLU B 306 0.11 28.51 16.17
C GLU B 306 -1.00 29.00 15.24
N ALA B 307 -1.26 30.31 15.27
CA ALA B 307 -2.33 30.89 14.43
C ALA B 307 -2.14 30.61 12.96
N ILE B 308 -0.89 30.70 12.48
CA ILE B 308 -0.61 30.48 11.07
C ILE B 308 -0.82 29.01 10.68
N ASN B 309 -0.46 28.10 11.58
CA ASN B 309 -0.64 26.69 11.29
C ASN B 309 -2.11 26.36 11.30
N GLN B 310 -2.86 26.98 12.19
CA GLN B 310 -4.30 26.75 12.26
C GLN B 310 -5.00 27.24 11.00
N TYR B 311 -4.52 28.36 10.45
CA TYR B 311 -5.11 28.89 9.23
C TYR B 311 -4.93 27.88 8.09
N VAL B 312 -3.71 27.37 7.94
CA VAL B 312 -3.42 26.42 6.88
C VAL B 312 -4.20 25.13 7.00
N PHE B 313 -4.30 24.61 8.22
CA PHE B 313 -5.03 23.37 8.45
C PHE B 313 -6.52 23.57 8.16
N GLU B 314 -7.06 24.71 8.58
CA GLU B 314 -8.46 25.01 8.31
C GLU B 314 -8.72 25.00 6.81
N ARG B 315 -7.83 25.66 6.07
CA ARG B 315 -7.95 25.72 4.62
C ARG B 315 -7.92 24.30 4.09
N ALA B 316 -6.98 23.51 4.61
CA ALA B 316 -6.83 22.12 4.18
C ALA B 316 -8.09 21.29 4.38
N GLN B 317 -8.85 21.54 5.45
CA GLN B 317 -10.07 20.78 5.69
C GLN B 317 -11.11 21.12 4.64
N HIS B 318 -11.17 22.38 4.24
CA HIS B 318 -12.13 22.77 3.22
C HIS B 318 -11.72 22.16 1.89
N VAL B 319 -10.42 22.13 1.62
CA VAL B 319 -9.95 21.56 0.38
C VAL B 319 -10.32 20.09 0.24
N VAL B 320 -10.11 19.30 1.28
CA VAL B 320 -10.44 17.89 1.19
C VAL B 320 -11.95 17.57 1.24
N ALA B 321 -12.73 18.38 1.96
CA ALA B 321 -14.16 18.09 2.01
C ALA B 321 -14.77 18.35 0.63
N GLY B 322 -14.33 19.43 -0.01
CA GLY B 322 -14.83 19.76 -1.33
C GLY B 322 -14.44 18.75 -2.39
N ALA B 323 -13.18 18.30 -2.37
CA ALA B 323 -12.73 17.32 -3.34
C ALA B 323 -13.48 16.00 -3.17
N ALA B 324 -13.86 15.68 -1.94
CA ALA B 324 -14.60 14.45 -1.70
C ALA B 324 -16.00 14.63 -2.28
N ALA B 325 -16.59 15.79 -2.03
CA ALA B 325 -17.92 16.11 -2.54
C ALA B 325 -17.95 16.11 -4.07
N MSE B 326 -16.88 16.58 -4.70
CA MSE B 326 -16.84 16.61 -6.17
C MSE B 326 -17.17 15.25 -6.77
O MSE B 326 -17.81 15.18 -7.82
CB MSE B 326 -15.47 17.05 -6.68
CG MSE B 326 -15.23 18.55 -6.62
SE MSE B 326 -13.52 19.05 -7.43
CE MSE B 326 -14.01 18.98 -9.30
N TYR B 327 -16.75 14.19 -6.11
CA TYR B 327 -16.98 12.85 -6.61
C TYR B 327 -18.02 12.06 -5.81
N GLU B 328 -18.70 12.75 -4.92
CA GLU B 328 -19.71 12.12 -4.08
C GLU B 328 -19.05 10.98 -3.31
N ALA B 329 -17.85 11.25 -2.83
CA ALA B 329 -17.11 10.26 -2.06
C ALA B 329 -17.10 10.69 -0.60
N ARG B 330 -16.99 9.72 0.30
CA ARG B 330 -16.94 10.05 1.72
C ARG B 330 -15.47 10.25 2.06
N TYR B 331 -15.20 10.96 3.14
CA TYR B 331 -13.83 11.17 3.55
C TYR B 331 -13.71 11.17 5.06
N GLU B 332 -12.56 10.74 5.55
CA GLU B 332 -12.29 10.68 6.96
C GLU B 332 -10.93 11.31 7.19
N LEU B 333 -10.86 12.22 8.13
CA LEU B 333 -9.61 12.90 8.43
C LEU B 333 -9.07 12.38 9.77
N ARG B 334 -7.91 11.73 9.73
CA ARG B 334 -7.30 11.17 10.93
C ARG B 334 -6.08 11.96 11.39
N MSE B 335 -6.11 12.38 12.66
CA MSE B 335 -4.99 13.11 13.22
C MSE B 335 -3.84 12.15 13.42
O MSE B 335 -3.99 11.10 14.04
CB MSE B 335 -5.41 13.75 14.54
CG MSE B 335 -6.37 14.93 14.37
SE MSE B 335 -5.52 16.50 13.53
CE MSE B 335 -5.71 15.98 11.72
N MSE B 336 -2.69 12.51 12.88
CA MSE B 336 -1.50 11.69 12.97
C MSE B 336 -0.38 12.35 13.79
O MSE B 336 0.59 11.70 14.15
CB MSE B 336 -1.00 11.37 11.56
CG MSE B 336 -1.99 10.59 10.72
SE MSE B 336 -2.37 8.81 11.47
CE MSE B 336 -4.15 9.11 12.10
N GLY B 337 -0.53 13.63 14.07
CA GLY B 337 0.48 14.35 14.84
C GLY B 337 0.14 15.81 15.01
N ALA B 338 0.74 16.46 15.99
CA ALA B 338 0.47 17.86 16.25
C ALA B 338 1.42 18.44 17.28
N ALA B 339 1.80 19.70 17.07
CA ALA B 339 2.70 20.41 17.97
C ALA B 339 2.53 21.91 17.72
N THR B 340 2.95 22.74 18.66
CA THR B 340 2.78 24.16 18.45
C THR B 340 4.12 24.88 18.46
N ALA B 341 4.09 26.21 18.41
CA ALA B 341 5.32 26.99 18.40
C ALA B 341 5.89 27.05 19.81
N SER B 342 7.18 27.34 19.91
CA SER B 342 7.88 27.42 21.19
C SER B 342 8.24 28.84 21.63
N ALA B 343 7.66 29.31 22.72
CA ALA B 343 7.97 30.65 23.23
C ALA B 343 8.49 30.53 24.66
N PRO B 344 9.77 30.16 24.81
CA PRO B 344 10.41 30.00 26.13
C PRO B 344 10.29 31.19 27.06
N SER B 345 9.95 30.95 28.33
CA SER B 345 9.85 32.00 29.33
C SER B 345 11.27 32.56 29.57
N PRO B 346 11.51 33.83 29.23
CA PRO B 346 12.81 34.48 29.39
C PRO B 346 13.44 34.40 30.78
N ALA B 347 12.62 34.61 31.81
CA ALA B 347 13.12 34.55 33.18
C ALA B 347 13.59 33.13 33.51
N TRP B 348 12.86 32.13 33.04
CA TRP B 348 13.23 30.76 33.31
C TRP B 348 14.46 30.38 32.49
N VAL B 349 14.56 30.89 31.27
CA VAL B 349 15.71 30.59 30.44
C VAL B 349 16.95 31.09 31.17
N ASP B 350 16.89 32.32 31.66
CA ASP B 350 18.02 32.92 32.35
C ASP B 350 18.49 32.10 33.56
N TYR B 351 17.55 31.56 34.32
CA TYR B 351 17.92 30.77 35.48
C TYR B 351 18.69 29.53 35.04
N LEU B 352 18.18 28.84 34.02
CA LEU B 352 18.82 27.64 33.51
C LEU B 352 20.20 27.94 32.97
N ARG B 353 20.32 29.04 32.23
CA ARG B 353 21.61 29.41 31.66
C ARG B 353 22.64 29.66 32.77
N GLU B 354 22.25 30.42 33.79
CA GLU B 354 23.16 30.73 34.89
C GLU B 354 23.69 29.46 35.54
N GLN B 355 22.81 28.51 35.79
CA GLN B 355 23.21 27.25 36.41
C GLN B 355 24.09 26.41 35.50
N ALA B 356 23.66 26.26 34.24
CA ALA B 356 24.41 25.48 33.25
C ALA B 356 25.84 25.99 33.10
N ALA B 357 25.97 27.31 33.08
CA ALA B 357 27.28 27.96 32.93
C ALA B 357 28.26 27.41 33.95
N ARG B 358 27.84 27.36 35.21
CA ARG B 358 28.67 26.86 36.30
C ARG B 358 28.96 25.35 36.21
N VAL B 359 28.14 24.60 35.48
CA VAL B 359 28.34 23.16 35.35
C VAL B 359 29.62 22.82 34.61
N PRO B 360 30.50 22.04 35.24
CA PRO B 360 31.79 21.61 34.68
C PRO B 360 31.87 21.44 33.17
N GLY B 361 31.51 20.27 32.65
CA GLY B 361 31.61 20.03 31.23
C GLY B 361 30.92 20.96 30.24
N VAL B 362 30.47 22.13 30.66
CA VAL B 362 29.78 23.06 29.76
C VAL B 362 30.63 24.23 29.25
N GLN B 363 30.61 24.44 27.93
CA GLN B 363 31.38 25.54 27.32
C GLN B 363 30.53 26.78 27.06
N GLN B 364 29.40 26.58 26.39
CA GLN B 364 28.51 27.69 26.05
C GLN B 364 27.07 27.56 26.52
N ALA B 365 26.70 28.35 27.53
CA ALA B 365 25.33 28.33 28.02
C ALA B 365 24.62 29.48 27.30
N VAL B 366 23.99 29.17 26.17
CA VAL B 366 23.29 30.17 25.37
C VAL B 366 21.77 30.11 25.49
N ASP B 367 21.10 31.21 25.13
CA ASP B 367 19.65 31.29 25.20
C ASP B 367 19.05 30.47 24.05
N ARG B 368 19.26 30.93 22.82
CA ARG B 368 18.76 30.23 21.64
C ARG B 368 19.93 30.12 20.68
N ILE B 369 19.77 29.34 19.61
CA ILE B 369 20.83 29.20 18.63
C ILE B 369 20.21 28.93 17.27
N ALA B 370 20.74 29.58 16.25
CA ALA B 370 20.25 29.43 14.89
C ALA B 370 20.30 27.99 14.43
N ALA B 371 19.26 27.56 13.70
CA ALA B 371 19.19 26.19 13.19
C ALA B 371 17.93 26.02 12.37
N PRO B 372 17.94 25.06 11.43
CA PRO B 372 16.75 24.85 10.61
C PRO B 372 15.58 24.50 11.53
N ALA B 373 14.38 24.92 11.14
CA ALA B 373 13.19 24.67 11.94
C ALA B 373 12.69 23.24 11.83
N GLY B 374 12.18 22.75 12.96
CA GLY B 374 11.63 21.40 13.03
C GLY B 374 10.43 21.42 13.95
N SER B 375 10.10 20.28 14.53
CA SER B 375 8.96 20.20 15.44
C SER B 375 9.27 19.39 16.67
N GLU B 376 8.47 19.60 17.71
CA GLU B 376 8.66 18.91 18.97
C GLU B 376 7.40 19.12 19.80
N ASP B 377 6.67 18.04 20.10
CA ASP B 377 5.43 18.21 20.85
C ASP B 377 5.58 18.65 22.30
N ALA B 378 6.81 18.67 22.81
CA ALA B 378 7.05 19.11 24.18
C ALA B 378 6.40 20.50 24.26
N THR B 379 6.34 21.17 23.12
CA THR B 379 5.74 22.49 23.01
C THR B 379 4.31 22.54 23.54
N LEU B 380 3.56 21.45 23.41
CA LEU B 380 2.19 21.47 23.91
C LEU B 380 2.17 21.57 25.43
N MSE B 381 3.14 20.94 26.08
CA MSE B 381 3.22 21.01 27.53
C MSE B 381 3.66 22.41 27.93
O MSE B 381 3.18 22.96 28.91
CB MSE B 381 4.21 19.95 28.06
CG MSE B 381 3.96 18.55 27.56
SE MSE B 381 5.10 17.21 28.40
CE MSE B 381 4.15 15.60 27.89
N MSE B 382 4.58 22.98 27.16
CA MSE B 382 5.06 24.33 27.44
C MSE B 382 3.91 25.32 27.37
O MSE B 382 3.68 26.07 28.31
CB MSE B 382 6.12 24.73 26.43
CG MSE B 382 7.44 24.02 26.63
SE MSE B 382 8.69 24.40 25.22
CE MSE B 382 9.16 22.58 24.81
N ALA B 383 3.20 25.29 26.25
CA ALA B 383 2.09 26.19 26.03
C ALA B 383 1.09 26.08 27.17
N ARG B 384 0.70 24.85 27.48
CA ARG B 384 -0.24 24.62 28.56
C ARG B 384 0.28 25.26 29.84
N VAL B 385 1.50 24.91 30.23
CA VAL B 385 2.08 25.46 31.44
C VAL B 385 2.10 27.00 31.44
N GLN B 386 2.58 27.59 30.36
CA GLN B 386 2.63 29.04 30.27
C GLN B 386 1.21 29.62 30.31
N ALA B 387 0.26 28.92 29.72
CA ALA B 387 -1.12 29.39 29.70
C ALA B 387 -1.75 29.45 31.10
N ARG B 388 -1.26 28.64 32.02
CA ARG B 388 -1.80 28.63 33.38
C ARG B 388 -0.97 29.47 34.36
N GLY B 389 -0.03 30.25 33.83
CA GLY B 389 0.79 31.10 34.69
C GLY B 389 2.15 30.56 35.11
N GLY B 390 2.60 29.46 34.51
CA GLY B 390 3.91 28.91 34.85
C GLY B 390 4.98 29.29 33.85
N LEU B 391 6.23 28.91 34.13
CA LEU B 391 7.32 29.21 33.22
C LEU B 391 7.81 27.92 32.56
N ALA B 392 8.35 28.02 31.35
CA ALA B 392 8.81 26.83 30.67
C ALA B 392 9.89 27.10 29.64
N SER B 393 10.69 26.08 29.37
CA SER B 393 11.75 26.20 28.37
C SER B 393 12.18 24.83 27.87
N TYR B 394 12.96 24.84 26.80
CA TYR B 394 13.45 23.61 26.19
C TYR B 394 14.98 23.68 26.22
N MSE B 395 15.61 22.72 26.88
CA MSE B 395 17.05 22.66 26.99
C MSE B 395 17.67 21.66 26.04
O MSE B 395 17.18 20.54 25.92
CB MSE B 395 17.48 22.29 28.41
CG MSE B 395 17.76 23.46 29.30
SE MSE B 395 18.37 22.87 31.03
CE MSE B 395 20.29 22.97 30.74
N ILE B 396 18.75 22.04 25.37
CA ILE B 396 19.44 21.14 24.45
C ILE B 396 20.91 20.98 24.82
N PHE B 397 21.34 19.73 24.95
CA PHE B 397 22.73 19.43 25.26
C PHE B 397 23.39 18.95 23.98
N GLY B 398 24.38 19.70 23.51
CA GLY B 398 25.07 19.38 22.27
C GLY B 398 25.99 18.18 22.26
N THR B 399 26.26 17.69 21.05
CA THR B 399 27.14 16.54 20.83
C THR B 399 27.84 16.68 19.48
N GLU B 414 29.09 8.23 25.13
CA GLU B 414 28.86 9.66 25.26
C GLU B 414 28.84 10.05 26.73
N SER B 415 29.32 11.25 27.03
CA SER B 415 29.36 11.73 28.40
C SER B 415 28.42 12.91 28.60
N VAL B 416 27.66 13.25 27.56
CA VAL B 416 26.73 14.36 27.64
C VAL B 416 25.75 14.10 28.79
N MSE B 417 25.52 12.83 29.08
CA MSE B 417 24.59 12.43 30.13
C MSE B 417 24.96 12.88 31.55
O MSE B 417 24.10 13.36 32.29
CB MSE B 417 24.38 10.92 30.10
CG MSE B 417 23.82 10.45 28.75
SE MSE B 417 23.18 8.65 28.77
CE MSE B 417 24.87 7.70 28.63
N ALA B 418 26.23 12.73 31.91
CA ALA B 418 26.66 13.14 33.24
C ALA B 418 26.43 14.64 33.39
N VAL B 419 26.79 15.40 32.36
CA VAL B 419 26.63 16.84 32.37
C VAL B 419 25.15 17.23 32.49
N ALA B 420 24.30 16.54 31.75
CA ALA B 420 22.86 16.81 31.76
C ALA B 420 22.25 16.56 33.13
N VAL B 421 22.67 15.48 33.78
CA VAL B 421 22.17 15.13 35.10
C VAL B 421 22.64 16.14 36.14
N GLU B 422 23.93 16.49 36.08
CA GLU B 422 24.47 17.46 37.03
C GLU B 422 23.76 18.80 36.82
N THR B 423 23.66 19.24 35.57
CA THR B 423 23.01 20.51 35.28
C THR B 423 21.56 20.53 35.78
N LEU B 424 20.76 19.59 35.30
CA LEU B 424 19.36 19.51 35.71
C LEU B 424 19.24 19.42 37.23
N ALA B 425 20.18 18.72 37.86
CA ALA B 425 20.17 18.57 39.32
C ALA B 425 20.42 19.92 39.98
N ARG B 426 21.30 20.72 39.37
CA ARG B 426 21.61 22.04 39.89
C ARG B 426 20.35 22.89 39.79
N VAL B 427 19.77 22.92 38.60
CA VAL B 427 18.56 23.68 38.37
C VAL B 427 17.56 23.47 39.51
N ALA B 428 17.36 22.23 39.92
CA ALA B 428 16.41 21.94 40.99
C ALA B 428 16.93 22.31 42.38
N LEU B 429 18.13 21.87 42.72
CA LEU B 429 18.75 22.14 44.03
C LEU B 429 19.05 23.62 44.32
N ASN B 430 19.50 24.37 43.32
CA ASN B 430 19.81 25.78 43.51
C ASN B 430 18.62 26.71 43.26
N PHE B 431 17.41 26.17 43.34
CA PHE B 431 16.23 26.98 43.09
C PHE B 431 16.05 28.08 44.15
N PRO B 432 15.60 29.27 43.72
CA PRO B 432 15.37 30.42 44.61
C PRO B 432 14.09 30.20 45.40
N TRP B 433 14.10 29.21 46.29
CA TRP B 433 12.93 28.90 47.09
C TRP B 433 12.26 30.18 47.61
N GLN B 434 13.09 31.18 47.91
CA GLN B 434 12.60 32.46 48.43
C GLN B 434 12.43 33.50 47.32
N ARG B 435 13.55 34.12 46.95
CA ARG B 435 13.59 35.14 45.90
C ARG B 435 12.76 34.80 44.68
N GLY B 436 12.90 33.58 44.18
CA GLY B 436 12.13 33.15 43.02
C GLY B 436 12.77 33.51 41.69
N VAL B 437 11.94 33.81 40.70
CA VAL B 437 12.41 34.17 39.38
C VAL B 437 11.68 35.40 38.85
Y YT3 C . -27.57 -41.94 -25.84
NA NA D . -9.72 -15.90 -17.45
NA NA E . 12.58 10.96 20.49
#